data_5C7V
#
_entry.id   5C7V
#
_cell.length_a   78.880
_cell.length_b   78.880
_cell.length_c   224.664
_cell.angle_alpha   90.00
_cell.angle_beta   90.00
_cell.angle_gamma   90.00
#
_symmetry.space_group_name_H-M   'P 43 21 2'
#
loop_
_entity.id
_entity.type
_entity.pdbx_description
1 polymer 'Malate synthase G'
2 non-polymer 'MAGNESIUM ION'
3 non-polymer PYRROLE-2-CARBOXYLATE
4 water water
#
_entity_poly.entity_id   1
_entity_poly.type   'polypeptide(L)'
_entity_poly.pdbx_seq_one_letter_code
;MTDRVSVGNLRIARVLYDFVNNEALPGTDIDPDSFWAGVDKVVADLTPQNQALLNARDELQAQIDKWHRRRVIEPIDMDA
YRQFLTEIGYLLPEPDDFTITTSGVDAEITTTAGPQLVVPVLNARFALNAANARWGSLYDALYGTDVIPETDGAEKGPTY
NKVRGDKVIAYARKFLDDSVPLSSGSFGDATGFTVQDGQLVVALPDKSTGLANPGQFAGYTGAAESPTSVLLINHGLHIE
ILIDPESQVGTTDRAGVKDVILESAITTIMDFEDSVAAVDAADKVLGYRNWLGLNKGDLAAAVDKDGTAFLRVLNRDRNY
TAPGGGQFTLPGRSLMFVRNVGHLMTNDAIVDTDGSEVFEGIMDALFTGLIAIHGLKASDVNGPLINSRTGSIYIVKPKM
HGPAEVAFTCELFSRVEDVLGLPQNTMKIGIMDEERRTTVNLKACIKAAADRVVFINTGFLDRTGDEIHTSMEAGPMVRK
GTMKSQPWILAYEDHNVDAGLAAGFSGRAQVGKGMWTMTELMADMVETKIAQPRAGASTAWVPSPTAATLHALHYHQVDV
AAVQQGLAGKRRATIEQLLTIPLAKELAWAPDEIREEVDNNCQSILGYVVRWVDQGVGASKVPDIHDVALMEDRATLRIS
SQLLANWLRHGVITSADVRASLERMAPLVDRQNAGDVAYRPMAPNFDDSIAFLAAQELILSGAQQPNGYTEPILHRRRRE
FKARAAEKPAPSDRAGDDAAR
;
_entity_poly.pdbx_strand_id   A
#
# COMPACT_ATOMS: atom_id res chain seq x y z
N THR A 2 3.39 -28.54 -22.78
CA THR A 2 2.95 -29.62 -21.90
C THR A 2 1.43 -29.62 -21.81
N ASP A 3 0.90 -28.66 -21.06
CA ASP A 3 -0.53 -28.48 -20.83
C ASP A 3 -0.85 -27.00 -21.16
N ARG A 4 -0.29 -26.53 -22.25
CA ARG A 4 -0.38 -25.13 -22.65
C ARG A 4 -1.24 -24.99 -23.89
N VAL A 5 -1.65 -23.76 -24.15
CA VAL A 5 -2.46 -23.49 -25.32
C VAL A 5 -1.69 -22.59 -26.27
N SER A 6 -1.70 -22.93 -27.55
CA SER A 6 -0.94 -22.16 -28.53
C SER A 6 -1.82 -21.07 -29.10
N VAL A 7 -1.32 -19.84 -28.97
CA VAL A 7 -1.91 -18.66 -29.56
C VAL A 7 -0.76 -17.87 -30.15
N GLY A 8 -0.64 -17.88 -31.47
CA GLY A 8 0.51 -17.30 -32.15
C GLY A 8 1.82 -17.81 -31.56
N ASN A 9 2.66 -16.88 -31.14
CA ASN A 9 3.95 -17.25 -30.57
C ASN A 9 3.88 -17.63 -29.08
N LEU A 10 2.69 -17.61 -28.50
CA LEU A 10 2.55 -17.89 -27.08
C LEU A 10 2.09 -19.30 -26.76
N ARG A 11 2.55 -19.82 -25.63
CA ARG A 11 2.05 -21.07 -25.11
C ARG A 11 1.49 -20.79 -23.73
N ILE A 12 0.19 -20.57 -23.70
CA ILE A 12 -0.49 -20.15 -22.47
C ILE A 12 -0.84 -21.32 -21.56
N ALA A 13 -0.51 -21.18 -20.28
CA ALA A 13 -0.82 -22.22 -19.31
C ALA A 13 -2.33 -22.48 -19.29
N ARG A 14 -2.72 -23.75 -19.30
CA ARG A 14 -4.13 -24.10 -19.48
C ARG A 14 -5.00 -23.48 -18.41
N VAL A 15 -4.51 -23.52 -17.17
CA VAL A 15 -5.27 -22.98 -16.04
C VAL A 15 -5.64 -21.52 -16.26
N LEU A 16 -4.71 -20.77 -16.83
CA LEU A 16 -4.93 -19.36 -17.11
C LEU A 16 -5.91 -19.20 -18.27
N TYR A 17 -5.67 -19.97 -19.33
CA TYR A 17 -6.50 -19.92 -20.52
C TYR A 17 -7.97 -20.22 -20.20
N ASP A 18 -8.22 -21.29 -19.44
CA ASP A 18 -9.57 -21.61 -19.02
C ASP A 18 -10.17 -20.50 -18.16
N PHE A 19 -9.42 -20.05 -17.15
CA PHE A 19 -9.93 -19.03 -16.24
C PHE A 19 -10.42 -17.80 -16.99
N VAL A 20 -9.61 -17.34 -17.93
CA VAL A 20 -9.98 -16.18 -18.72
C VAL A 20 -11.21 -16.43 -19.59
N ASN A 21 -11.24 -17.57 -20.29
CA ASN A 21 -12.35 -17.85 -21.19
C ASN A 21 -13.66 -18.05 -20.43
N ASN A 22 -13.56 -18.79 -19.32
CA ASN A 22 -14.74 -19.20 -18.57
C ASN A 22 -15.20 -18.21 -17.53
N GLU A 23 -14.29 -17.39 -17.02
CA GLU A 23 -14.66 -16.55 -15.88
C GLU A 23 -14.51 -15.07 -16.16
N ALA A 24 -13.38 -14.71 -16.78
CA ALA A 24 -13.05 -13.29 -16.96
C ALA A 24 -13.75 -12.64 -18.17
N LEU A 25 -13.76 -13.33 -19.29
CA LEU A 25 -14.36 -12.79 -20.52
C LEU A 25 -15.89 -12.68 -20.53
N PRO A 26 -16.59 -13.72 -20.04
CA PRO A 26 -18.05 -13.63 -20.16
C PRO A 26 -18.65 -12.44 -19.43
N GLY A 27 -19.29 -11.56 -20.19
CA GLY A 27 -19.94 -10.41 -19.60
C GLY A 27 -19.26 -9.14 -20.02
N THR A 28 -18.12 -9.28 -20.69
CA THR A 28 -17.33 -8.13 -21.12
C THR A 28 -17.70 -7.76 -22.54
N ASP A 29 -18.26 -8.72 -23.26
CA ASP A 29 -18.55 -8.61 -24.69
C ASP A 29 -17.30 -8.32 -25.51
N ILE A 30 -16.16 -8.82 -25.03
CA ILE A 30 -14.96 -8.90 -25.83
C ILE A 30 -14.92 -10.29 -26.46
N ASP A 31 -14.62 -10.34 -27.75
CA ASP A 31 -14.56 -11.62 -28.45
C ASP A 31 -13.29 -12.32 -27.97
N PRO A 32 -13.45 -13.53 -27.41
CA PRO A 32 -12.32 -14.30 -26.84
C PRO A 32 -11.16 -14.44 -27.82
N ASP A 33 -11.48 -14.62 -29.10
CA ASP A 33 -10.47 -14.90 -30.11
C ASP A 33 -9.58 -13.67 -30.34
N SER A 34 -10.20 -12.51 -30.46
CA SER A 34 -9.45 -11.27 -30.64
C SER A 34 -8.77 -10.79 -29.35
N PHE A 35 -9.35 -11.12 -28.19
CA PHE A 35 -8.65 -10.85 -26.95
C PHE A 35 -7.28 -11.52 -26.94
N TRP A 36 -7.21 -12.80 -27.30
CA TRP A 36 -5.97 -13.55 -27.25
C TRP A 36 -4.98 -13.13 -28.33
N ALA A 37 -5.50 -12.73 -29.49
CA ALA A 37 -4.64 -12.25 -30.57
C ALA A 37 -4.02 -10.91 -30.16
N GLY A 38 -4.74 -10.17 -29.32
CA GLY A 38 -4.24 -8.92 -28.77
C GLY A 38 -3.15 -9.15 -27.74
N VAL A 39 -3.37 -10.11 -26.85
CA VAL A 39 -2.36 -10.55 -25.89
C VAL A 39 -1.06 -10.86 -26.62
N ASP A 40 -1.19 -11.68 -27.66
CA ASP A 40 -0.07 -12.11 -28.51
C ASP A 40 0.64 -10.93 -29.18
N LYS A 41 -0.15 -10.00 -29.69
CA LYS A 41 0.38 -8.86 -30.41
C LYS A 41 1.10 -7.90 -29.43
N VAL A 42 0.41 -7.53 -28.36
CA VAL A 42 0.96 -6.64 -27.33
C VAL A 42 2.24 -7.21 -26.73
N VAL A 43 2.22 -8.49 -26.39
CA VAL A 43 3.41 -9.12 -25.84
C VAL A 43 4.57 -9.05 -26.85
N ALA A 44 4.28 -9.34 -28.12
CA ALA A 44 5.31 -9.30 -29.16
C ALA A 44 5.81 -7.89 -29.45
N ASP A 45 4.90 -6.92 -29.47
CA ASP A 45 5.28 -5.52 -29.70
C ASP A 45 6.08 -4.87 -28.55
N LEU A 46 5.70 -5.16 -27.30
CA LEU A 46 6.23 -4.39 -26.17
C LEU A 46 7.37 -5.06 -25.41
N THR A 47 7.54 -6.36 -25.61
CA THR A 47 8.60 -7.11 -24.92
C THR A 47 10.03 -6.58 -25.15
N PRO A 48 10.39 -6.26 -26.39
CA PRO A 48 11.76 -5.71 -26.53
C PRO A 48 11.98 -4.39 -25.79
N GLN A 49 11.04 -3.46 -25.84
CA GLN A 49 11.22 -2.20 -25.11
C GLN A 49 11.31 -2.46 -23.59
N ASN A 50 10.45 -3.33 -23.08
CA ASN A 50 10.49 -3.74 -21.67
C ASN A 50 11.88 -4.19 -21.27
N GLN A 51 12.49 -4.99 -22.11
CA GLN A 51 13.82 -5.56 -21.86
C GLN A 51 14.92 -4.51 -22.01
N ALA A 52 14.79 -3.68 -23.05
CA ALA A 52 15.66 -2.54 -23.28
C ALA A 52 15.72 -1.63 -22.04
N LEU A 53 14.57 -1.44 -21.39
CA LEU A 53 14.48 -0.62 -20.20
C LEU A 53 15.24 -1.27 -19.05
N LEU A 54 15.11 -2.59 -18.93
CA LEU A 54 15.81 -3.32 -17.88
C LEU A 54 17.33 -3.30 -18.08
N ASN A 55 17.78 -3.27 -19.33
CA ASN A 55 19.21 -3.17 -19.62
C ASN A 55 19.72 -1.75 -19.36
N ALA A 56 18.85 -0.78 -19.62
CA ALA A 56 19.16 0.60 -19.30
C ALA A 56 19.50 0.70 -17.81
N ARG A 57 18.67 0.12 -16.95
CA ARG A 57 18.96 0.03 -15.51
C ARG A 57 20.39 -0.45 -15.26
N ASP A 58 20.73 -1.58 -15.88
CA ASP A 58 22.04 -2.19 -15.71
C ASP A 58 23.21 -1.33 -16.20
N GLU A 59 23.04 -0.67 -17.35
CA GLU A 59 24.10 0.18 -17.89
C GLU A 59 24.40 1.31 -16.93
N LEU A 60 23.34 1.87 -16.35
CA LEU A 60 23.46 3.01 -15.46
C LEU A 60 24.13 2.62 -14.15
N GLN A 61 23.74 1.46 -13.61
CA GLN A 61 24.32 1.00 -12.36
C GLN A 61 25.81 0.71 -12.51
N ALA A 62 26.18 0.10 -13.64
CA ALA A 62 27.58 -0.23 -13.87
C ALA A 62 28.44 1.03 -13.89
N GLN A 63 28.00 2.04 -14.61
CA GLN A 63 28.68 3.32 -14.65
C GLN A 63 28.84 3.94 -13.27
N ILE A 64 27.81 3.79 -12.43
CA ILE A 64 27.83 4.38 -11.10
C ILE A 64 28.76 3.61 -10.18
N ASP A 65 28.70 2.29 -10.25
CA ASP A 65 29.64 1.44 -9.52
C ASP A 65 31.08 1.83 -9.83
N LYS A 66 31.33 2.11 -11.10
CA LYS A 66 32.68 2.38 -11.59
C LYS A 66 33.16 3.73 -11.10
N TRP A 67 32.24 4.70 -11.11
CA TRP A 67 32.53 6.04 -10.64
C TRP A 67 33.03 6.03 -9.18
N HIS A 68 32.31 5.32 -8.31
CA HIS A 68 32.75 5.20 -6.92
C HIS A 68 34.07 4.46 -6.80
N ARG A 69 34.21 3.39 -7.58
CA ARG A 69 35.42 2.57 -7.53
C ARG A 69 36.70 3.30 -7.94
N ARG A 70 36.61 4.17 -8.95
CA ARG A 70 37.80 4.91 -9.40
C ARG A 70 38.10 6.09 -8.49
N ARG A 71 37.47 6.10 -7.33
CA ARG A 71 37.55 7.22 -6.42
C ARG A 71 37.98 6.85 -5.01
N VAL A 72 38.69 7.77 -4.38
CA VAL A 72 39.38 7.53 -3.12
C VAL A 72 38.63 7.76 -1.78
N ILE A 73 38.06 8.94 -1.45
CA ILE A 73 38.16 10.25 -2.12
C ILE A 73 37.60 11.30 -1.18
N GLU A 74 38.14 11.41 0.05
CA GLU A 74 37.63 12.39 1.03
C GLU A 74 36.09 12.18 1.18
N PRO A 75 35.26 13.24 1.34
CA PRO A 75 33.87 12.84 1.07
C PRO A 75 33.48 13.19 -0.37
N ILE A 76 32.34 12.72 -0.87
CA ILE A 76 32.04 12.94 -2.28
C ILE A 76 31.80 14.41 -2.64
N ASP A 77 32.33 14.84 -3.78
CA ASP A 77 32.06 16.17 -4.33
C ASP A 77 30.75 16.18 -5.11
N MET A 78 29.76 16.86 -4.53
CA MET A 78 28.41 16.88 -5.06
C MET A 78 28.29 17.53 -6.44
N ASP A 79 29.12 18.53 -6.73
CA ASP A 79 29.12 19.13 -8.06
C ASP A 79 29.52 18.09 -9.08
N ALA A 80 30.56 17.33 -8.73
CA ALA A 80 31.10 16.29 -9.58
C ALA A 80 30.11 15.15 -9.77
N TYR A 81 29.60 14.64 -8.66
CA TYR A 81 28.68 13.53 -8.65
C TYR A 81 27.45 13.84 -9.51
N ARG A 82 26.92 15.03 -9.33
CA ARG A 82 25.71 15.46 -10.00
C ARG A 82 25.95 15.75 -11.48
N GLN A 83 27.14 16.19 -11.82
CA GLN A 83 27.47 16.46 -13.20
C GLN A 83 27.62 15.14 -13.94
N PHE A 84 28.22 14.18 -13.25
CA PHE A 84 28.37 12.83 -13.75
C PHE A 84 27.00 12.19 -14.03
N LEU A 85 26.09 12.31 -13.08
CA LEU A 85 24.74 11.76 -13.23
C LEU A 85 23.98 12.35 -14.42
N THR A 86 24.28 13.59 -14.77
CA THR A 86 23.66 14.27 -15.88
C THR A 86 24.28 13.82 -17.21
N GLU A 87 25.56 13.48 -17.17
CA GLU A 87 26.27 13.04 -18.36
C GLU A 87 25.77 11.70 -18.84
N ILE A 88 25.43 10.82 -17.91
CA ILE A 88 25.09 9.45 -18.25
C ILE A 88 23.59 9.27 -18.46
N GLY A 89 22.83 10.33 -18.26
CA GLY A 89 21.39 10.28 -18.50
C GLY A 89 20.59 9.77 -17.32
N TYR A 90 21.23 9.70 -16.16
CA TYR A 90 20.56 9.26 -14.95
C TYR A 90 19.66 10.39 -14.48
N LEU A 91 20.26 11.58 -14.42
CA LEU A 91 19.57 12.78 -13.99
C LEU A 91 19.16 13.55 -15.22
N LEU A 92 17.87 13.58 -15.53
CA LEU A 92 17.41 14.24 -16.73
C LEU A 92 16.98 15.66 -16.40
N PRO A 93 17.00 16.56 -17.40
CA PRO A 93 16.60 17.92 -17.07
C PRO A 93 15.12 17.97 -16.71
N GLU A 94 14.75 18.93 -15.89
CA GLU A 94 13.39 19.08 -15.45
C GLU A 94 12.55 19.85 -16.49
N PRO A 95 11.33 19.38 -16.77
CA PRO A 95 10.43 20.02 -17.74
C PRO A 95 9.77 21.26 -17.16
N ASP A 96 9.22 22.09 -18.04
CA ASP A 96 8.53 23.28 -17.62
C ASP A 96 7.29 22.91 -16.84
N ASP A 97 6.83 23.83 -15.99
CA ASP A 97 5.65 23.60 -15.16
C ASP A 97 4.45 23.17 -15.99
N PHE A 98 3.50 22.51 -15.34
CA PHE A 98 2.32 21.99 -16.03
C PHE A 98 1.27 21.52 -15.03
N THR A 99 0.04 21.43 -15.49
CA THR A 99 -1.02 20.84 -14.69
C THR A 99 -1.40 19.50 -15.31
N ILE A 100 -1.61 18.48 -14.49
CA ILE A 100 -2.03 17.19 -15.00
C ILE A 100 -3.41 17.38 -15.59
N THR A 101 -3.78 16.53 -16.54
CA THR A 101 -5.04 16.71 -17.24
C THR A 101 -5.96 15.51 -17.06
N THR A 102 -5.56 14.57 -16.21
CA THR A 102 -6.34 13.37 -15.91
C THR A 102 -7.78 13.69 -15.53
N SER A 103 -8.72 13.00 -16.14
CA SER A 103 -10.13 13.17 -15.80
C SER A 103 -10.90 11.85 -15.81
N GLY A 104 -12.13 11.87 -15.30
CA GLY A 104 -12.96 10.69 -15.26
C GLY A 104 -12.68 9.91 -13.99
N VAL A 105 -12.11 10.62 -13.01
CA VAL A 105 -11.66 10.02 -11.77
C VAL A 105 -12.70 10.20 -10.66
N ASP A 106 -12.87 9.17 -9.84
CA ASP A 106 -13.85 9.21 -8.77
C ASP A 106 -13.46 10.19 -7.67
N ALA A 107 -14.45 10.61 -6.88
CA ALA A 107 -14.26 11.67 -5.89
C ALA A 107 -13.43 11.19 -4.71
N GLU A 108 -13.41 9.88 -4.49
CA GLU A 108 -12.60 9.27 -3.44
C GLU A 108 -11.13 9.57 -3.62
N ILE A 109 -10.72 9.83 -4.86
CA ILE A 109 -9.31 10.03 -5.21
C ILE A 109 -8.97 11.49 -5.47
N THR A 110 -9.84 12.20 -6.18
CA THR A 110 -9.59 13.59 -6.52
C THR A 110 -9.74 14.50 -5.31
N THR A 111 -10.67 14.16 -4.43
CA THR A 111 -11.17 15.12 -3.47
C THR A 111 -10.97 14.70 -2.01
N THR A 112 -11.55 13.55 -1.64
CA THR A 112 -11.52 13.06 -0.27
C THR A 112 -10.12 12.71 0.22
N ALA A 113 -9.76 13.21 1.39
CA ALA A 113 -8.52 12.79 2.05
C ALA A 113 -8.83 11.77 3.15
N GLY A 114 -8.13 10.66 3.16
CA GLY A 114 -8.35 9.64 4.18
C GLY A 114 -7.46 8.41 4.02
N PRO A 115 -7.54 7.49 4.99
CA PRO A 115 -6.70 6.29 5.03
C PRO A 115 -6.81 5.46 3.76
N GLN A 116 -5.76 4.72 3.47
CA GLN A 116 -5.76 3.81 2.32
C GLN A 116 -5.22 2.45 2.74
N LEU A 117 -5.99 1.41 2.48
CA LEU A 117 -5.62 0.06 2.90
C LEU A 117 -4.81 -0.62 1.80
N VAL A 118 -3.89 -1.50 2.16
CA VAL A 118 -3.21 -2.33 1.16
C VAL A 118 -3.31 -3.78 1.61
N VAL A 119 -3.77 -4.65 0.72
CA VAL A 119 -4.11 -6.00 1.13
C VAL A 119 -3.71 -7.03 0.06
N PRO A 120 -3.20 -8.19 0.49
CA PRO A 120 -2.85 -9.25 -0.46
C PRO A 120 -4.07 -9.82 -1.18
N VAL A 121 -4.10 -9.65 -2.50
CA VAL A 121 -5.25 -10.09 -3.29
C VAL A 121 -5.43 -11.61 -3.28
N LEU A 122 -4.37 -12.35 -2.95
CA LEU A 122 -4.47 -13.80 -2.86
C LEU A 122 -5.20 -14.25 -1.59
N ASN A 123 -5.36 -13.34 -0.63
CA ASN A 123 -6.11 -13.66 0.59
C ASN A 123 -7.53 -13.10 0.52
N ALA A 124 -8.47 -13.96 0.13
CA ALA A 124 -9.86 -13.54 -0.07
C ALA A 124 -10.53 -12.98 1.19
N ARG A 125 -10.29 -13.58 2.35
CA ARG A 125 -10.88 -13.07 3.58
C ARG A 125 -10.40 -11.65 3.86
N PHE A 126 -9.10 -11.44 3.78
CA PHE A 126 -8.52 -10.13 4.03
C PHE A 126 -9.02 -9.12 3.00
N ALA A 127 -9.15 -9.55 1.74
CA ALA A 127 -9.52 -8.63 0.69
C ALA A 127 -10.96 -8.15 0.86
N LEU A 128 -11.83 -9.07 1.25
CA LEU A 128 -13.22 -8.72 1.56
C LEU A 128 -13.28 -7.77 2.77
N ASN A 129 -12.44 -8.04 3.76
CA ASN A 129 -12.40 -7.19 4.95
C ASN A 129 -12.02 -5.76 4.62
N ALA A 130 -11.01 -5.61 3.75
CA ALA A 130 -10.56 -4.28 3.35
C ALA A 130 -11.63 -3.56 2.56
N ALA A 131 -12.25 -4.27 1.61
CA ALA A 131 -13.31 -3.69 0.81
C ALA A 131 -14.47 -3.22 1.69
N ASN A 132 -14.78 -3.98 2.73
CA ASN A 132 -15.81 -3.62 3.72
C ASN A 132 -15.35 -2.58 4.76
N ALA A 133 -14.05 -2.26 4.77
CA ALA A 133 -13.52 -1.37 5.79
C ALA A 133 -13.77 0.13 5.52
N ARG A 134 -14.58 0.44 4.50
CA ARG A 134 -14.97 1.83 4.24
C ARG A 134 -15.61 2.43 5.49
N TRP A 135 -16.30 1.57 6.25
CA TRP A 135 -16.92 1.98 7.50
C TRP A 135 -16.45 1.04 8.58
N GLY A 136 -16.07 1.60 9.72
CA GLY A 136 -15.60 0.81 10.84
C GLY A 136 -16.10 1.40 12.15
N SER A 137 -16.22 0.53 13.17
CA SER A 137 -16.61 0.96 14.50
C SER A 137 -15.45 1.66 15.22
N LEU A 138 -15.67 2.89 15.65
CA LEU A 138 -14.65 3.56 16.44
C LEU A 138 -14.52 2.97 17.84
N TYR A 139 -15.65 2.59 18.45
CA TYR A 139 -15.63 2.00 19.79
C TYR A 139 -14.77 0.75 19.78
N ASP A 140 -15.04 -0.15 18.83
CA ASP A 140 -14.29 -1.38 18.72
C ASP A 140 -12.80 -1.11 18.58
N ALA A 141 -12.46 -0.11 17.77
CA ALA A 141 -11.07 0.27 17.52
C ALA A 141 -10.36 0.79 18.76
N LEU A 142 -11.07 1.55 19.60
CA LEU A 142 -10.50 2.08 20.84
C LEU A 142 -10.47 1.02 21.92
N TYR A 143 -11.60 0.37 22.14
CA TYR A 143 -11.68 -0.70 23.12
C TYR A 143 -10.62 -1.76 22.86
N GLY A 144 -10.52 -2.19 21.60
CA GLY A 144 -9.74 -3.35 21.24
C GLY A 144 -8.25 -3.16 21.14
N THR A 145 -7.78 -1.93 21.00
CA THR A 145 -6.34 -1.69 20.87
C THR A 145 -5.76 -0.98 22.09
N ASP A 146 -4.51 -0.53 22.00
CA ASP A 146 -3.89 0.13 23.13
C ASP A 146 -4.08 1.66 23.13
N VAL A 147 -4.96 2.17 22.29
CA VAL A 147 -5.20 3.61 22.25
C VAL A 147 -5.78 4.03 23.59
N ILE A 148 -6.74 3.25 24.08
CA ILE A 148 -7.14 3.32 25.48
C ILE A 148 -6.18 2.42 26.24
N PRO A 149 -5.23 3.02 26.97
CA PRO A 149 -4.18 2.20 27.60
C PRO A 149 -4.74 1.23 28.63
N GLU A 150 -4.12 0.06 28.73
CA GLU A 150 -4.57 -0.98 29.65
C GLU A 150 -3.92 -0.83 31.01
N THR A 151 -4.12 0.34 31.63
CA THR A 151 -3.64 0.58 32.98
C THR A 151 -4.44 -0.27 33.96
N ASP A 152 -4.07 -0.17 35.23
CA ASP A 152 -4.79 -0.84 36.31
C ASP A 152 -6.26 -0.42 36.26
N GLY A 153 -7.16 -1.40 36.11
CA GLY A 153 -8.58 -1.12 36.08
C GLY A 153 -9.22 -1.11 34.70
N ALA A 154 -8.48 -0.66 33.69
CA ALA A 154 -9.01 -0.54 32.33
C ALA A 154 -8.55 -1.66 31.40
N GLU A 155 -8.36 -2.84 31.96
CA GLU A 155 -7.80 -3.95 31.22
C GLU A 155 -8.85 -4.67 30.38
N LYS A 156 -8.48 -5.07 29.17
CA LYS A 156 -9.35 -5.96 28.39
C LYS A 156 -9.44 -7.27 29.15
N GLY A 157 -10.65 -7.61 29.58
CA GLY A 157 -10.85 -8.87 30.26
C GLY A 157 -11.49 -9.86 29.31
N PRO A 158 -11.95 -11.01 29.83
CA PRO A 158 -12.58 -12.01 28.97
C PRO A 158 -13.95 -11.50 28.54
N THR A 159 -14.50 -10.62 29.36
CA THR A 159 -15.79 -9.98 29.14
C THR A 159 -15.72 -8.48 29.45
N TYR A 160 -16.77 -7.76 29.04
CA TYR A 160 -16.83 -6.29 29.08
C TYR A 160 -16.34 -5.68 30.37
N ASN A 161 -15.45 -4.69 30.23
CA ASN A 161 -14.92 -3.90 31.33
C ASN A 161 -15.51 -2.50 31.21
N LYS A 162 -16.39 -2.13 32.13
CA LYS A 162 -17.11 -0.87 32.05
C LYS A 162 -16.21 0.36 32.24
N VAL A 163 -15.17 0.21 33.05
CA VAL A 163 -14.24 1.30 33.26
C VAL A 163 -13.59 1.61 31.91
N ARG A 164 -13.17 0.56 31.22
CA ARG A 164 -12.57 0.69 29.90
C ARG A 164 -13.57 1.23 28.89
N GLY A 165 -14.79 0.72 28.96
CA GLY A 165 -15.85 1.13 28.06
C GLY A 165 -16.17 2.60 28.18
N ASP A 166 -16.30 3.07 29.42
CA ASP A 166 -16.56 4.48 29.68
C ASP A 166 -15.45 5.35 29.12
N LYS A 167 -14.21 4.89 29.23
CA LYS A 167 -13.08 5.60 28.65
C LYS A 167 -13.26 5.74 27.15
N VAL A 168 -13.65 4.64 26.51
CA VAL A 168 -13.85 4.60 25.08
C VAL A 168 -14.87 5.66 24.70
N ILE A 169 -15.98 5.66 25.43
CA ILE A 169 -17.04 6.62 25.20
C ILE A 169 -16.56 8.07 25.30
N ALA A 170 -15.78 8.37 26.33
CA ALA A 170 -15.32 9.75 26.56
C ALA A 170 -14.29 10.18 25.55
N TYR A 171 -13.49 9.23 25.07
CA TYR A 171 -12.56 9.51 23.98
C TYR A 171 -13.35 9.97 22.75
N ALA A 172 -14.42 9.24 22.45
CA ALA A 172 -15.20 9.52 21.24
C ALA A 172 -15.96 10.84 21.35
N ARG A 173 -16.55 11.07 22.52
CA ARG A 173 -17.26 12.32 22.76
C ARG A 173 -16.36 13.51 22.48
N LYS A 174 -15.13 13.46 22.99
CA LYS A 174 -14.16 14.51 22.77
C LYS A 174 -13.82 14.69 21.28
N PHE A 175 -13.72 13.57 20.56
CA PHE A 175 -13.54 13.58 19.11
C PHE A 175 -14.70 14.28 18.39
N LEU A 176 -15.92 13.95 18.80
CA LEU A 176 -17.09 14.67 18.31
C LEU A 176 -16.97 16.16 18.53
N ASP A 177 -16.61 16.57 19.74
CA ASP A 177 -16.46 17.98 20.06
C ASP A 177 -15.43 18.68 19.18
N ASP A 178 -14.29 18.01 18.97
CA ASP A 178 -13.23 18.57 18.16
C ASP A 178 -13.57 18.54 16.67
N SER A 179 -14.44 17.64 16.26
CA SER A 179 -14.68 17.47 14.83
C SER A 179 -15.96 18.14 14.33
N VAL A 180 -17.01 18.05 15.14
CA VAL A 180 -18.31 18.60 14.77
C VAL A 180 -18.88 19.31 15.98
N PRO A 181 -18.30 20.46 16.34
CA PRO A 181 -18.62 21.14 17.60
C PRO A 181 -20.06 21.63 17.67
N LEU A 182 -20.62 21.61 18.88
CA LEU A 182 -21.93 22.21 19.12
C LEU A 182 -21.79 23.73 19.29
N SER A 183 -22.85 24.47 18.97
CA SER A 183 -22.87 25.92 19.19
C SER A 183 -22.44 26.22 20.62
N SER A 184 -23.09 25.57 21.57
CA SER A 184 -22.63 25.60 22.94
C SER A 184 -22.75 24.20 23.53
N GLY A 185 -22.05 23.98 24.64
CA GLY A 185 -21.99 22.67 25.27
C GLY A 185 -21.10 21.69 24.53
N SER A 186 -21.14 20.45 25.03
CA SER A 186 -20.29 19.37 24.55
C SER A 186 -21.13 18.12 24.36
N PHE A 187 -20.65 17.20 23.53
CA PHE A 187 -21.37 15.95 23.33
C PHE A 187 -21.32 15.11 24.59
N GLY A 188 -20.35 15.39 25.45
CA GLY A 188 -20.18 14.67 26.70
C GLY A 188 -21.40 14.78 27.61
N ASP A 189 -22.22 15.79 27.37
CA ASP A 189 -23.41 16.04 28.17
C ASP A 189 -24.69 15.86 27.37
N ALA A 190 -24.57 15.44 26.12
CA ALA A 190 -25.73 15.18 25.28
C ALA A 190 -26.64 14.16 25.94
N THR A 191 -27.95 14.37 25.85
CA THR A 191 -28.92 13.48 26.45
C THR A 191 -29.82 12.88 25.37
N GLY A 192 -29.82 13.52 24.20
CA GLY A 192 -30.57 13.00 23.06
C GLY A 192 -30.37 13.77 21.77
N PHE A 193 -30.82 13.17 20.67
CA PHE A 193 -30.73 13.80 19.36
C PHE A 193 -32.07 13.73 18.63
N THR A 194 -32.45 14.82 17.99
CA THR A 194 -33.65 14.86 17.17
C THR A 194 -33.42 15.71 15.92
N VAL A 195 -34.07 15.37 14.83
CA VAL A 195 -34.02 16.21 13.64
C VAL A 195 -35.29 17.05 13.55
N GLN A 196 -35.12 18.36 13.64
CA GLN A 196 -36.24 19.28 13.70
C GLN A 196 -36.06 20.39 12.67
N ASP A 197 -37.02 20.50 11.75
CA ASP A 197 -36.99 21.50 10.67
C ASP A 197 -35.74 21.36 9.83
N GLY A 198 -35.29 20.13 9.61
CA GLY A 198 -34.11 19.87 8.81
C GLY A 198 -32.80 20.11 9.55
N GLN A 199 -32.89 20.66 10.76
CA GLN A 199 -31.71 20.91 11.56
C GLN A 199 -31.47 19.72 12.45
N LEU A 200 -30.25 19.60 12.96
CA LEU A 200 -29.97 18.64 14.01
C LEU A 200 -30.08 19.35 15.35
N VAL A 201 -30.85 18.76 16.25
CA VAL A 201 -31.00 19.33 17.58
C VAL A 201 -30.50 18.34 18.63
N VAL A 202 -29.56 18.79 19.44
CA VAL A 202 -28.96 17.97 20.48
C VAL A 202 -29.45 18.47 21.83
N ALA A 203 -29.86 17.54 22.68
CA ALA A 203 -30.42 17.89 23.96
C ALA A 203 -29.37 17.86 25.05
N LEU A 204 -29.18 18.99 25.72
CA LEU A 204 -28.29 19.06 26.87
C LEU A 204 -29.16 18.95 28.13
N PRO A 205 -28.55 18.74 29.32
CA PRO A 205 -29.38 18.54 30.51
C PRO A 205 -30.29 19.72 30.80
N ASP A 206 -29.78 20.92 30.52
CA ASP A 206 -30.52 22.15 30.79
C ASP A 206 -31.12 22.77 29.53
N LYS A 207 -30.43 22.66 28.41
CA LYS A 207 -30.87 23.31 27.18
C LYS A 207 -30.76 22.41 25.94
N SER A 208 -30.97 22.99 24.78
CA SER A 208 -30.75 22.29 23.51
C SER A 208 -29.88 23.15 22.63
N THR A 209 -29.14 22.51 21.71
CA THR A 209 -28.30 23.26 20.79
C THR A 209 -28.18 22.54 19.45
N GLY A 210 -27.82 23.28 18.42
CA GLY A 210 -27.52 22.71 17.10
C GLY A 210 -26.00 22.69 16.91
N LEU A 211 -25.57 22.46 15.68
CA LEU A 211 -24.14 22.44 15.37
C LEU A 211 -23.62 23.84 15.12
N ALA A 212 -22.38 24.11 15.54
CA ALA A 212 -21.73 25.37 15.24
C ALA A 212 -21.81 25.64 13.75
N ASN A 213 -21.48 24.62 12.95
CA ASN A 213 -21.74 24.68 11.53
C ASN A 213 -22.83 23.69 11.19
N PRO A 214 -24.08 24.19 11.14
CA PRO A 214 -25.27 23.38 10.88
C PRO A 214 -25.08 22.47 9.68
N GLY A 215 -24.29 22.90 8.71
CA GLY A 215 -24.06 22.15 7.47
C GLY A 215 -23.27 20.86 7.63
N GLN A 216 -22.66 20.65 8.80
CA GLN A 216 -21.98 19.38 9.07
C GLN A 216 -22.96 18.23 9.27
N PHE A 217 -24.24 18.54 9.39
CA PHE A 217 -25.29 17.52 9.53
C PHE A 217 -25.61 16.92 8.17
N ALA A 218 -25.32 15.64 7.99
CA ALA A 218 -25.47 15.03 6.67
C ALA A 218 -26.71 14.17 6.52
N GLY A 219 -27.28 13.73 7.65
CA GLY A 219 -28.46 12.89 7.59
C GLY A 219 -28.72 12.04 8.81
N TYR A 220 -29.58 11.04 8.63
CA TYR A 220 -30.04 10.22 9.75
C TYR A 220 -30.80 8.96 9.30
N THR A 221 -31.02 8.04 10.24
CA THR A 221 -31.88 6.89 9.98
C THR A 221 -33.03 6.85 10.98
N GLY A 222 -34.14 6.24 10.57
CA GLY A 222 -35.32 6.19 11.41
C GLY A 222 -36.06 7.51 11.39
N ALA A 223 -36.95 7.69 12.36
CA ALA A 223 -37.81 8.87 12.43
C ALA A 223 -37.01 10.06 12.88
N ALA A 224 -37.26 11.21 12.25
CA ALA A 224 -36.63 12.47 12.64
C ALA A 224 -36.87 12.76 14.12
N GLU A 225 -37.98 12.23 14.63
CA GLU A 225 -38.44 12.47 15.99
C GLU A 225 -37.66 11.68 17.05
N SER A 226 -37.05 10.57 16.65
CA SER A 226 -36.10 9.85 17.47
C SER A 226 -35.29 8.91 16.56
N PRO A 227 -34.23 9.45 15.94
CA PRO A 227 -33.44 8.73 14.93
C PRO A 227 -32.71 7.53 15.51
N THR A 228 -32.53 6.50 14.69
CA THR A 228 -31.74 5.37 15.12
C THR A 228 -30.26 5.71 15.00
N SER A 229 -29.94 6.66 14.11
CA SER A 229 -28.58 7.14 13.98
C SER A 229 -28.55 8.55 13.39
N VAL A 230 -27.41 9.22 13.53
CA VAL A 230 -27.22 10.57 13.05
C VAL A 230 -25.95 10.64 12.21
N LEU A 231 -26.07 11.15 10.99
CA LEU A 231 -24.92 11.23 10.10
C LEU A 231 -24.32 12.65 10.09
N LEU A 232 -23.01 12.72 10.33
CA LEU A 232 -22.29 14.00 10.31
C LEU A 232 -21.19 13.98 9.25
N ILE A 233 -20.63 15.14 8.97
CA ILE A 233 -19.53 15.20 8.03
C ILE A 233 -18.50 16.26 8.44
N ASN A 234 -17.24 15.96 8.18
CA ASN A 234 -16.17 16.87 8.52
C ASN A 234 -14.99 16.54 7.65
N HIS A 235 -14.43 17.58 7.02
CA HIS A 235 -13.31 17.41 6.11
C HIS A 235 -13.55 16.37 5.02
N GLY A 236 -14.81 16.25 4.59
CA GLY A 236 -15.15 15.33 3.53
C GLY A 236 -15.48 13.92 3.98
N LEU A 237 -15.18 13.62 5.24
CA LEU A 237 -15.37 12.27 5.80
C LEU A 237 -16.61 12.17 6.70
N HIS A 238 -17.34 11.08 6.58
CA HIS A 238 -18.56 10.91 7.37
C HIS A 238 -18.37 10.30 8.76
N ILE A 239 -19.20 10.74 9.69
CA ILE A 239 -19.24 10.22 11.04
C ILE A 239 -20.70 9.90 11.34
N GLU A 240 -20.93 8.74 11.94
CA GLU A 240 -22.29 8.30 12.23
C GLU A 240 -22.43 7.87 13.67
N ILE A 241 -23.33 8.54 14.39
CA ILE A 241 -23.61 8.20 15.77
C ILE A 241 -24.77 7.22 15.81
N LEU A 242 -24.52 5.98 16.23
CA LEU A 242 -25.59 5.00 16.37
C LEU A 242 -26.27 5.20 17.72
N ILE A 243 -27.60 5.21 17.70
CA ILE A 243 -28.39 5.44 18.90
C ILE A 243 -29.27 4.25 19.22
N ASP A 244 -28.99 3.61 20.35
CA ASP A 244 -29.78 2.48 20.82
C ASP A 244 -29.55 2.23 22.29
N PRO A 245 -30.43 2.78 23.14
CA PRO A 245 -30.40 2.59 24.60
C PRO A 245 -30.48 1.12 25.02
N GLU A 246 -30.98 0.25 24.15
CA GLU A 246 -31.17 -1.15 24.53
C GLU A 246 -29.95 -2.02 24.28
N SER A 247 -28.97 -1.44 23.59
CA SER A 247 -27.72 -2.14 23.34
C SER A 247 -26.86 -2.14 24.59
N GLN A 248 -25.91 -3.07 24.60
CA GLN A 248 -25.07 -3.33 25.75
C GLN A 248 -24.27 -2.09 26.19
N VAL A 249 -23.86 -1.27 25.23
CA VAL A 249 -23.14 -0.03 25.52
C VAL A 249 -24.13 1.12 25.61
N GLY A 250 -25.18 1.04 24.82
CA GLY A 250 -26.24 2.04 24.83
C GLY A 250 -26.84 2.31 26.20
N THR A 251 -27.14 1.25 26.95
CA THR A 251 -27.74 1.40 28.29
C THR A 251 -26.86 2.23 29.19
N THR A 252 -25.56 2.06 29.05
CA THR A 252 -24.60 2.76 29.90
C THR A 252 -24.46 4.24 29.47
N ASP A 253 -24.86 4.56 28.25
CA ASP A 253 -24.59 5.89 27.71
C ASP A 253 -25.63 6.92 28.13
N ARG A 254 -25.17 8.15 28.36
CA ARG A 254 -26.06 9.24 28.76
C ARG A 254 -27.14 9.53 27.72
N ALA A 255 -26.82 9.36 26.44
CA ALA A 255 -27.76 9.68 25.36
C ALA A 255 -28.17 8.44 24.55
N GLY A 256 -27.92 7.25 25.11
CA GLY A 256 -28.30 6.00 24.47
C GLY A 256 -27.42 5.63 23.28
N VAL A 257 -26.30 6.33 23.11
CA VAL A 257 -25.37 6.06 22.01
C VAL A 257 -24.70 4.70 22.13
N LYS A 258 -24.84 3.90 21.07
CA LYS A 258 -24.34 2.53 21.03
C LYS A 258 -22.92 2.43 20.47
N ASP A 259 -22.61 3.31 19.52
CA ASP A 259 -21.31 3.31 18.84
C ASP A 259 -21.18 4.58 18.00
N VAL A 260 -19.95 4.92 17.64
CA VAL A 260 -19.69 5.94 16.65
C VAL A 260 -18.99 5.28 15.48
N ILE A 261 -19.58 5.34 14.29
CA ILE A 261 -19.00 4.72 13.11
C ILE A 261 -18.26 5.74 12.26
N LEU A 262 -17.03 5.43 11.86
CA LEU A 262 -16.26 6.35 11.01
C LEU A 262 -16.11 5.87 9.59
N GLU A 263 -16.26 6.76 8.62
CA GLU A 263 -15.80 6.46 7.27
C GLU A 263 -14.27 6.38 7.36
N SER A 264 -13.70 5.24 6.99
CA SER A 264 -12.29 4.95 7.26
C SER A 264 -11.47 4.78 5.98
N ALA A 265 -11.33 3.53 5.53
CA ALA A 265 -10.66 3.19 4.28
C ALA A 265 -11.44 3.64 3.06
N ILE A 266 -11.17 4.85 2.60
CA ILE A 266 -11.89 5.44 1.49
C ILE A 266 -11.55 4.69 0.21
N THR A 267 -10.28 4.29 0.10
CA THR A 267 -9.82 3.47 -1.03
C THR A 267 -8.96 2.33 -0.50
N THR A 268 -8.89 1.25 -1.28
CA THR A 268 -8.09 0.08 -0.96
C THR A 268 -7.33 -0.37 -2.20
N ILE A 269 -6.08 -0.76 -1.99
CA ILE A 269 -5.25 -1.31 -3.04
C ILE A 269 -5.26 -2.82 -2.90
N MET A 270 -5.76 -3.51 -3.93
CA MET A 270 -5.71 -4.97 -3.97
C MET A 270 -4.39 -5.35 -4.64
N ASP A 271 -3.55 -6.08 -3.93
CA ASP A 271 -2.15 -6.18 -4.31
C ASP A 271 -1.76 -7.51 -4.95
N PHE A 272 -1.19 -7.45 -6.16
CA PHE A 272 -0.56 -8.60 -6.83
C PHE A 272 0.97 -8.60 -6.66
N GLU A 273 1.52 -7.55 -6.05
CA GLU A 273 2.98 -7.40 -5.96
C GLU A 273 3.53 -7.86 -4.60
N ASP A 274 4.21 -6.95 -3.90
CA ASP A 274 5.01 -7.30 -2.73
C ASP A 274 4.32 -7.93 -1.50
N SER A 275 3.00 -7.83 -1.43
CA SER A 275 2.31 -8.44 -0.30
C SER A 275 1.79 -9.86 -0.57
N VAL A 276 2.01 -10.38 -1.79
CA VAL A 276 1.58 -11.74 -2.11
C VAL A 276 2.74 -12.57 -2.67
N ALA A 277 2.58 -13.89 -2.62
CA ALA A 277 3.59 -14.78 -3.17
C ALA A 277 2.96 -15.55 -4.34
N ALA A 278 3.26 -15.11 -5.55
CA ALA A 278 2.72 -15.73 -6.75
C ALA A 278 3.84 -16.05 -7.73
N VAL A 279 4.25 -17.31 -7.79
CA VAL A 279 5.43 -17.66 -8.58
C VAL A 279 5.13 -18.42 -9.86
N ASP A 280 3.85 -18.59 -10.18
CA ASP A 280 3.45 -19.32 -11.39
C ASP A 280 1.98 -19.12 -11.78
N ALA A 281 1.56 -19.85 -12.82
CA ALA A 281 0.23 -19.70 -13.37
C ALA A 281 -0.89 -20.00 -12.37
N ALA A 282 -0.68 -21.03 -11.55
CA ALA A 282 -1.66 -21.38 -10.54
C ALA A 282 -1.83 -20.22 -9.55
N ASP A 283 -0.71 -19.71 -9.02
CA ASP A 283 -0.78 -18.61 -8.06
C ASP A 283 -1.44 -17.36 -8.65
N LYS A 284 -1.13 -17.05 -9.90
CA LYS A 284 -1.70 -15.87 -10.58
C LYS A 284 -3.22 -15.99 -10.75
N VAL A 285 -3.68 -17.17 -11.14
CA VAL A 285 -5.11 -17.41 -11.34
C VAL A 285 -5.89 -17.25 -10.03
N LEU A 286 -5.33 -17.73 -8.93
CA LEU A 286 -5.94 -17.55 -7.60
C LEU A 286 -6.16 -16.09 -7.34
N GLY A 287 -5.15 -15.28 -7.67
CA GLY A 287 -5.19 -13.84 -7.49
C GLY A 287 -6.17 -13.21 -8.44
N TYR A 288 -6.04 -13.53 -9.72
CA TYR A 288 -6.97 -13.04 -10.74
C TYR A 288 -8.41 -13.39 -10.39
N ARG A 289 -8.64 -14.59 -9.87
CA ARG A 289 -10.00 -14.99 -9.52
C ARG A 289 -10.57 -14.12 -8.40
N ASN A 290 -9.80 -13.91 -7.35
CA ASN A 290 -10.22 -13.01 -6.29
C ASN A 290 -10.51 -11.59 -6.78
N TRP A 291 -9.58 -11.04 -7.56
CA TRP A 291 -9.78 -9.75 -8.23
C TRP A 291 -11.10 -9.72 -9.03
N LEU A 292 -11.47 -10.85 -9.62
CA LEU A 292 -12.71 -10.96 -10.39
C LEU A 292 -13.95 -10.97 -9.50
N GLY A 293 -13.89 -11.72 -8.40
CA GLY A 293 -14.98 -11.74 -7.45
C GLY A 293 -15.26 -10.36 -6.86
N LEU A 294 -14.18 -9.63 -6.57
CA LEU A 294 -14.29 -8.29 -6.01
C LEU A 294 -15.00 -7.38 -7.01
N ASN A 295 -14.64 -7.50 -8.28
CA ASN A 295 -15.22 -6.62 -9.29
C ASN A 295 -16.64 -6.98 -9.71
N LYS A 296 -16.98 -8.25 -9.58
CA LYS A 296 -18.33 -8.69 -9.95
C LYS A 296 -19.23 -8.60 -8.74
N GLY A 297 -18.63 -8.46 -7.57
CA GLY A 297 -19.38 -8.27 -6.34
C GLY A 297 -19.72 -9.57 -5.65
N ASP A 298 -19.33 -10.69 -6.26
CA ASP A 298 -19.78 -11.98 -5.76
C ASP A 298 -18.76 -12.79 -4.96
N LEU A 299 -17.60 -12.18 -4.68
CA LEU A 299 -16.61 -12.86 -3.84
C LEU A 299 -17.19 -13.15 -2.47
N ALA A 300 -17.03 -14.39 -2.02
CA ALA A 300 -17.45 -14.78 -0.68
C ALA A 300 -16.43 -15.76 -0.12
N ALA A 301 -16.14 -15.66 1.17
CA ALA A 301 -15.06 -16.47 1.74
C ALA A 301 -15.56 -17.52 2.73
N ARG A 312 -19.64 -13.16 5.02
CA ARG A 312 -18.54 -13.59 4.17
C ARG A 312 -18.65 -12.94 2.79
N VAL A 313 -19.40 -11.85 2.70
CA VAL A 313 -19.66 -11.20 1.42
C VAL A 313 -19.31 -9.69 1.43
N LEU A 314 -19.45 -9.05 0.29
CA LEU A 314 -19.22 -7.61 0.20
C LEU A 314 -20.46 -6.89 0.68
N ASN A 315 -20.26 -5.77 1.36
CA ASN A 315 -21.36 -4.96 1.85
C ASN A 315 -22.08 -4.19 0.75
N ARG A 316 -23.37 -3.96 0.96
CA ARG A 316 -24.14 -3.08 0.12
C ARG A 316 -23.93 -1.64 0.57
N ASP A 317 -24.33 -0.69 -0.25
CA ASP A 317 -24.27 0.73 0.11
C ASP A 317 -25.15 1.01 1.33
N ARG A 318 -24.94 2.16 1.96
CA ARG A 318 -25.69 2.51 3.16
C ARG A 318 -26.82 3.50 2.86
N ASN A 319 -27.99 3.25 3.45
CA ASN A 319 -29.17 4.08 3.24
C ASN A 319 -29.37 5.18 4.29
N TYR A 320 -29.66 6.38 3.82
CA TYR A 320 -29.80 7.52 4.71
C TYR A 320 -30.95 8.39 4.29
N THR A 321 -31.42 9.21 5.23
CA THR A 321 -32.43 10.21 4.95
C THR A 321 -31.74 11.56 5.02
N ALA A 322 -31.89 12.36 3.96
CA ALA A 322 -31.26 13.67 3.93
C ALA A 322 -31.85 14.56 5.03
N PRO A 323 -31.08 15.56 5.51
CA PRO A 323 -31.58 16.48 6.55
C PRO A 323 -32.91 17.13 6.13
N GLY A 324 -32.98 17.54 4.87
CA GLY A 324 -34.16 18.14 4.31
C GLY A 324 -35.17 17.12 3.80
N GLY A 325 -35.18 15.94 4.39
CA GLY A 325 -36.25 15.00 4.17
C GLY A 325 -36.02 13.90 3.15
N GLY A 326 -35.27 14.19 2.10
CA GLY A 326 -35.02 13.24 1.02
C GLY A 326 -34.46 11.87 1.39
N GLN A 327 -33.91 11.15 0.41
CA GLN A 327 -33.57 9.78 0.69
C GLN A 327 -32.42 9.29 -0.21
N PHE A 328 -31.21 9.26 0.35
CA PHE A 328 -30.03 8.96 -0.47
C PHE A 328 -29.24 7.73 -0.04
N THR A 329 -28.06 7.60 -0.64
CA THR A 329 -27.20 6.46 -0.42
C THR A 329 -25.74 6.91 -0.24
N LEU A 330 -24.96 6.16 0.52
CA LEU A 330 -23.50 6.31 0.53
C LEU A 330 -22.84 4.98 0.16
N PRO A 331 -21.68 5.04 -0.51
CA PRO A 331 -20.93 3.82 -0.85
C PRO A 331 -20.61 3.05 0.41
N GLY A 332 -20.81 1.73 0.41
CA GLY A 332 -20.48 0.93 1.57
C GLY A 332 -19.17 0.19 1.38
N ARG A 333 -18.57 0.33 0.21
CA ARG A 333 -17.33 -0.38 -0.09
C ARG A 333 -16.21 0.61 -0.33
N SER A 334 -15.01 0.20 0.05
CA SER A 334 -13.82 0.94 -0.32
C SER A 334 -13.60 0.90 -1.83
N LEU A 335 -13.34 2.04 -2.43
CA LEU A 335 -13.09 2.07 -3.87
C LEU A 335 -11.73 1.42 -4.15
N MET A 336 -11.69 0.51 -5.11
CA MET A 336 -10.53 -0.36 -5.27
C MET A 336 -9.53 0.06 -6.35
N PHE A 337 -8.26 0.12 -5.96
CA PHE A 337 -7.15 0.09 -6.91
C PHE A 337 -6.72 -1.36 -7.05
N VAL A 338 -5.98 -1.67 -8.10
CA VAL A 338 -5.20 -2.89 -8.09
C VAL A 338 -3.72 -2.52 -8.27
N ARG A 339 -2.83 -3.16 -7.52
CA ARG A 339 -1.39 -2.97 -7.78
C ARG A 339 -0.81 -4.13 -8.60
N ASN A 340 -0.42 -3.82 -9.83
CA ASN A 340 0.25 -4.78 -10.70
C ASN A 340 1.69 -5.00 -10.21
N VAL A 341 2.38 -6.00 -10.76
CA VAL A 341 3.83 -6.10 -10.53
C VAL A 341 4.54 -5.14 -11.48
N GLY A 342 5.79 -4.81 -11.19
CA GLY A 342 6.52 -3.84 -12.00
C GLY A 342 7.19 -4.51 -13.19
N HIS A 343 8.17 -3.82 -13.77
CA HIS A 343 8.77 -4.18 -15.05
C HIS A 343 9.77 -5.35 -15.05
N LEU A 344 10.18 -5.81 -13.88
CA LEU A 344 11.31 -6.74 -13.84
C LEU A 344 10.98 -8.18 -14.22
N MET A 345 9.98 -8.76 -13.58
CA MET A 345 9.87 -10.21 -13.54
C MET A 345 9.07 -10.82 -14.68
N THR A 346 9.38 -12.08 -14.97
CA THR A 346 8.64 -12.84 -15.94
C THR A 346 7.92 -13.91 -15.17
N ASN A 347 7.03 -14.63 -15.83
CA ASN A 347 6.25 -15.65 -15.15
C ASN A 347 5.83 -16.72 -16.14
N ASP A 348 5.87 -17.98 -15.72
CA ASP A 348 5.67 -19.09 -16.65
C ASP A 348 4.19 -19.36 -17.02
N ALA A 349 3.30 -18.46 -16.59
CA ALA A 349 1.90 -18.57 -16.96
C ALA A 349 1.76 -18.46 -18.47
N ILE A 350 2.70 -17.78 -19.10
CA ILE A 350 2.82 -17.79 -20.54
C ILE A 350 4.29 -17.87 -20.91
N VAL A 351 4.61 -18.82 -21.80
CA VAL A 351 5.92 -18.83 -22.45
C VAL A 351 5.77 -18.73 -23.96
N ASP A 352 6.84 -18.34 -24.63
CA ASP A 352 6.83 -18.29 -26.08
C ASP A 352 7.31 -19.62 -26.65
N THR A 353 7.32 -19.75 -27.97
CA THR A 353 7.74 -20.99 -28.62
C THR A 353 9.12 -21.42 -28.15
N ASP A 354 9.99 -20.44 -27.94
CA ASP A 354 11.37 -20.70 -27.51
C ASP A 354 11.43 -21.21 -26.08
N GLY A 355 10.33 -21.11 -25.35
CA GLY A 355 10.31 -21.48 -23.94
C GLY A 355 10.55 -20.32 -22.96
N SER A 356 10.81 -19.12 -23.47
CA SER A 356 11.01 -17.93 -22.64
C SER A 356 9.75 -17.51 -21.90
N GLU A 357 9.87 -17.28 -20.60
CA GLU A 357 8.77 -16.72 -19.82
C GLU A 357 8.39 -15.30 -20.29
N VAL A 358 7.11 -14.97 -20.17
CA VAL A 358 6.60 -13.68 -20.60
C VAL A 358 6.63 -12.70 -19.42
N PHE A 359 6.88 -11.43 -19.71
CA PHE A 359 6.93 -10.40 -18.67
C PHE A 359 5.63 -10.32 -17.86
N GLU A 360 5.74 -10.47 -16.55
CA GLU A 360 4.59 -10.55 -15.67
C GLU A 360 3.84 -9.22 -15.60
N GLY A 361 4.57 -8.11 -15.71
CA GLY A 361 3.93 -6.81 -15.67
C GLY A 361 3.00 -6.57 -16.84
N ILE A 362 3.43 -7.05 -18.00
CA ILE A 362 2.61 -6.93 -19.21
C ILE A 362 1.35 -7.75 -19.06
N MET A 363 1.50 -8.98 -18.57
CA MET A 363 0.35 -9.86 -18.36
C MET A 363 -0.66 -9.25 -17.40
N ASP A 364 -0.15 -8.68 -16.30
CA ASP A 364 -1.02 -8.09 -15.30
C ASP A 364 -1.93 -7.00 -15.86
N ALA A 365 -1.38 -6.13 -16.70
CA ALA A 365 -2.17 -5.05 -17.29
C ALA A 365 -3.32 -5.63 -18.10
N LEU A 366 -3.00 -6.66 -18.88
CA LEU A 366 -3.96 -7.35 -19.72
C LEU A 366 -5.06 -8.04 -18.93
N PHE A 367 -4.68 -8.79 -17.90
CA PHE A 367 -5.64 -9.59 -17.15
C PHE A 367 -6.33 -8.81 -16.02
N THR A 368 -5.62 -7.95 -15.30
CA THR A 368 -6.28 -7.16 -14.27
C THR A 368 -7.14 -6.06 -14.92
N GLY A 369 -6.70 -5.59 -16.09
CA GLY A 369 -7.49 -4.65 -16.87
C GLY A 369 -8.75 -5.32 -17.39
N LEU A 370 -8.62 -6.52 -17.95
CA LEU A 370 -9.79 -7.24 -18.44
C LEU A 370 -10.77 -7.42 -17.32
N ILE A 371 -10.27 -7.91 -16.18
CA ILE A 371 -11.11 -8.24 -15.05
C ILE A 371 -11.86 -7.01 -14.52
N ALA A 372 -11.16 -5.88 -14.46
CA ALA A 372 -11.71 -4.65 -13.89
C ALA A 372 -12.92 -4.11 -14.63
N ILE A 373 -13.16 -4.58 -15.85
CA ILE A 373 -14.32 -4.14 -16.62
C ILE A 373 -15.61 -4.48 -15.87
N HIS A 374 -15.62 -5.64 -15.22
CA HIS A 374 -16.76 -6.09 -14.44
C HIS A 374 -17.15 -5.10 -13.32
N GLY A 375 -16.15 -4.39 -12.81
CA GLY A 375 -16.36 -3.39 -11.76
C GLY A 375 -16.98 -2.09 -12.26
N LEU A 376 -17.03 -1.91 -13.58
CA LEU A 376 -17.66 -0.74 -14.16
C LEU A 376 -19.10 -1.05 -14.53
N LYS A 377 -19.61 -2.16 -14.02
CA LYS A 377 -20.86 -2.73 -14.50
C LYS A 377 -21.68 -3.25 -13.32
N ALA A 378 -22.98 -3.42 -13.55
CA ALA A 378 -23.92 -3.93 -12.55
C ALA A 378 -23.49 -5.29 -12.01
N SER A 379 -23.52 -5.42 -10.69
CA SER A 379 -22.94 -6.58 -10.02
C SER A 379 -23.94 -7.60 -9.47
N ASP A 380 -24.27 -8.62 -10.28
CA ASP A 380 -25.11 -9.77 -9.86
C ASP A 380 -25.39 -10.97 -10.82
N VAL A 381 -25.44 -10.80 -12.15
CA VAL A 381 -25.10 -9.58 -12.89
C VAL A 381 -26.24 -8.57 -13.01
N ASN A 382 -27.29 -8.74 -12.21
CA ASN A 382 -28.41 -7.80 -12.16
C ASN A 382 -28.05 -6.42 -11.55
N GLY A 383 -27.62 -6.40 -10.28
CA GLY A 383 -27.14 -5.18 -9.65
C GLY A 383 -26.83 -5.28 -8.17
N PRO A 384 -26.36 -4.17 -7.56
CA PRO A 384 -26.13 -2.89 -8.24
C PRO A 384 -24.76 -2.25 -7.94
N LEU A 385 -23.83 -2.98 -7.31
CA LEU A 385 -22.70 -2.34 -6.60
C LEU A 385 -21.73 -1.43 -7.38
N ILE A 386 -20.90 -1.98 -8.27
CA ILE A 386 -19.90 -1.22 -9.03
C ILE A 386 -18.64 -0.82 -8.19
N ASN A 387 -17.51 -0.67 -8.89
CA ASN A 387 -16.34 0.01 -8.33
C ASN A 387 -16.37 1.48 -8.74
N SER A 388 -15.74 1.80 -9.86
CA SER A 388 -15.69 3.17 -10.35
C SER A 388 -16.97 3.59 -11.10
N ARG A 389 -17.62 4.65 -10.61
CA ARG A 389 -18.82 5.17 -11.26
C ARG A 389 -18.48 6.16 -12.37
N THR A 390 -17.24 6.60 -12.42
CA THR A 390 -16.86 7.60 -13.41
C THR A 390 -16.21 6.94 -14.61
N GLY A 391 -16.05 5.62 -14.53
CA GLY A 391 -15.61 4.82 -15.65
C GLY A 391 -14.12 4.56 -15.75
N SER A 392 -13.39 4.73 -14.64
CA SER A 392 -11.94 4.52 -14.66
C SER A 392 -11.47 3.20 -14.04
N ILE A 393 -10.34 2.70 -14.53
CA ILE A 393 -9.71 1.54 -13.93
C ILE A 393 -8.43 2.04 -13.28
N TYR A 394 -8.26 1.78 -11.99
CA TYR A 394 -7.16 2.40 -11.22
C TYR A 394 -6.02 1.42 -10.89
N ILE A 395 -4.91 1.55 -11.61
CA ILE A 395 -3.78 0.65 -11.47
C ILE A 395 -2.54 1.30 -10.84
N VAL A 396 -2.05 0.69 -9.77
CA VAL A 396 -0.81 1.13 -9.13
C VAL A 396 0.35 0.36 -9.73
N LYS A 397 1.39 1.08 -10.14
CA LYS A 397 2.54 0.48 -10.79
C LYS A 397 3.78 0.77 -9.95
N PRO A 398 4.35 -0.27 -9.32
CA PRO A 398 5.50 -0.13 -8.43
C PRO A 398 6.85 -0.26 -9.14
N LYS A 399 7.92 0.15 -8.44
CA LYS A 399 9.30 -0.14 -8.85
C LYS A 399 9.75 0.36 -10.24
N MET A 400 9.19 1.47 -10.71
CA MET A 400 9.68 2.06 -11.96
C MET A 400 10.88 2.99 -11.72
N HIS A 401 11.76 3.04 -12.72
CA HIS A 401 12.95 3.86 -12.67
C HIS A 401 12.97 4.88 -13.80
N GLY A 402 12.48 6.08 -13.55
CA GLY A 402 12.62 7.17 -14.50
C GLY A 402 11.42 7.37 -15.42
N PRO A 403 11.37 8.52 -16.11
CA PRO A 403 10.21 8.85 -16.96
C PRO A 403 10.06 7.96 -18.22
N ALA A 404 11.13 7.38 -18.72
CA ALA A 404 10.99 6.45 -19.83
C ALA A 404 10.24 5.17 -19.39
N GLU A 405 10.47 4.72 -18.16
CA GLU A 405 9.75 3.55 -17.64
C GLU A 405 8.29 3.85 -17.37
N VAL A 406 7.99 5.12 -17.09
CA VAL A 406 6.61 5.55 -16.89
C VAL A 406 5.89 5.71 -18.23
N ALA A 407 6.59 6.24 -19.23
CA ALA A 407 6.01 6.40 -20.56
C ALA A 407 5.61 5.04 -21.10
N PHE A 408 6.48 4.06 -20.89
CA PHE A 408 6.23 2.71 -21.37
C PHE A 408 4.99 2.08 -20.74
N THR A 409 4.81 2.29 -19.45
CA THR A 409 3.65 1.79 -18.74
C THR A 409 2.38 2.42 -19.29
N CYS A 410 2.47 3.69 -19.69
CA CYS A 410 1.35 4.38 -20.29
C CYS A 410 1.06 3.82 -21.66
N GLU A 411 2.11 3.65 -22.46
CA GLU A 411 1.94 3.03 -23.76
C GLU A 411 1.37 1.62 -23.61
N LEU A 412 1.84 0.87 -22.61
CA LEU A 412 1.30 -0.46 -22.37
C LEU A 412 -0.20 -0.41 -22.08
N PHE A 413 -0.59 0.50 -21.20
CA PHE A 413 -2.01 0.71 -20.90
C PHE A 413 -2.79 1.12 -22.17
N SER A 414 -2.17 1.96 -23.00
CA SER A 414 -2.83 2.42 -24.21
C SER A 414 -3.19 1.23 -25.09
N ARG A 415 -2.24 0.32 -25.25
CA ARG A 415 -2.40 -0.87 -26.08
C ARG A 415 -3.36 -1.91 -25.49
N VAL A 416 -3.39 -2.03 -24.17
CA VAL A 416 -4.33 -2.92 -23.51
C VAL A 416 -5.76 -2.42 -23.72
N GLU A 417 -5.96 -1.11 -23.47
CA GLU A 417 -7.25 -0.45 -23.69
C GLU A 417 -7.80 -0.74 -25.07
N ASP A 418 -6.90 -0.85 -26.03
CA ASP A 418 -7.25 -1.13 -27.40
C ASP A 418 -7.75 -2.54 -27.54
N VAL A 419 -6.97 -3.49 -27.05
CA VAL A 419 -7.34 -4.89 -27.04
C VAL A 419 -8.68 -5.09 -26.34
N LEU A 420 -8.92 -4.28 -25.30
CA LEU A 420 -10.11 -4.44 -24.47
C LEU A 420 -11.32 -3.67 -25.01
N GLY A 421 -11.08 -2.76 -25.94
CA GLY A 421 -12.16 -1.96 -26.48
C GLY A 421 -12.58 -0.84 -25.56
N LEU A 422 -11.73 -0.53 -24.57
CA LEU A 422 -11.98 0.60 -23.67
C LEU A 422 -11.55 1.89 -24.34
N PRO A 423 -12.19 3.00 -23.95
CA PRO A 423 -11.73 4.32 -24.39
C PRO A 423 -10.29 4.50 -23.96
N GLN A 424 -9.54 5.32 -24.68
CA GLN A 424 -8.17 5.60 -24.26
C GLN A 424 -8.16 6.32 -22.93
N ASN A 425 -7.13 6.04 -22.14
CA ASN A 425 -6.94 6.62 -20.80
C ASN A 425 -7.95 6.15 -19.74
N THR A 426 -8.69 5.07 -20.03
CA THR A 426 -9.55 4.47 -19.02
C THR A 426 -8.67 3.93 -17.89
N MET A 427 -7.52 3.38 -18.27
CA MET A 427 -6.59 2.80 -17.31
C MET A 427 -5.67 3.86 -16.69
N LYS A 428 -6.01 4.28 -15.47
CA LYS A 428 -5.26 5.31 -14.76
C LYS A 428 -4.06 4.70 -14.04
N ILE A 429 -3.01 5.49 -13.87
CA ILE A 429 -1.81 4.99 -13.22
C ILE A 429 -1.57 5.63 -11.85
N GLY A 430 -1.23 4.81 -10.88
CA GLY A 430 -0.75 5.33 -9.60
C GLY A 430 0.75 5.20 -9.65
N ILE A 431 1.46 6.32 -9.69
CA ILE A 431 2.91 6.26 -9.82
C ILE A 431 3.62 6.10 -8.48
N MET A 432 4.12 4.89 -8.21
CA MET A 432 4.90 4.72 -6.99
C MET A 432 6.32 5.27 -7.11
N ASP A 433 6.66 6.11 -6.15
CA ASP A 433 7.96 6.78 -6.10
C ASP A 433 8.73 6.06 -5.00
N GLU A 434 9.46 5.02 -5.42
CA GLU A 434 10.19 4.15 -4.50
C GLU A 434 11.53 3.67 -5.09
N GLU A 435 12.04 4.44 -6.05
CA GLU A 435 13.33 4.18 -6.69
C GLU A 435 14.00 5.51 -6.98
N ARG A 436 15.29 5.64 -6.64
CA ARG A 436 16.03 6.91 -6.73
C ARG A 436 15.95 7.61 -8.08
N ARG A 437 16.04 6.85 -9.17
CA ARG A 437 15.99 7.43 -10.51
C ARG A 437 14.61 8.02 -10.83
N THR A 438 13.58 7.56 -10.14
CA THR A 438 12.27 8.20 -10.23
C THR A 438 12.21 9.47 -9.36
N THR A 439 12.55 9.34 -8.08
CA THR A 439 12.65 10.46 -7.16
C THR A 439 13.35 11.71 -7.74
N VAL A 440 14.53 11.52 -8.33
CA VAL A 440 15.28 12.68 -8.80
C VAL A 440 14.75 13.17 -10.14
N ASN A 441 13.83 12.41 -10.73
CA ASN A 441 13.19 12.83 -11.98
C ASN A 441 11.66 12.86 -11.84
N LEU A 442 11.19 13.13 -10.63
CA LEU A 442 9.78 12.95 -10.31
C LEU A 442 8.85 13.76 -11.18
N LYS A 443 9.16 15.06 -11.35
CA LYS A 443 8.34 15.93 -12.19
C LYS A 443 8.20 15.39 -13.61
N ALA A 444 9.29 14.88 -14.17
CA ALA A 444 9.28 14.31 -15.50
C ALA A 444 8.48 13.00 -15.52
N CYS A 445 8.53 12.22 -14.44
CA CYS A 445 7.70 11.01 -14.39
C CYS A 445 6.21 11.34 -14.37
N ILE A 446 5.86 12.39 -13.64
CA ILE A 446 4.46 12.80 -13.58
C ILE A 446 4.00 13.33 -14.94
N LYS A 447 4.88 14.04 -15.63
CA LYS A 447 4.54 14.57 -16.96
C LYS A 447 4.35 13.44 -17.97
N ALA A 448 5.14 12.39 -17.82
CA ALA A 448 5.06 11.25 -18.72
C ALA A 448 3.68 10.60 -18.66
N ALA A 449 2.99 10.77 -17.53
CA ALA A 449 1.69 10.16 -17.29
C ALA A 449 0.64 11.23 -17.02
N ALA A 450 0.88 12.42 -17.57
CA ALA A 450 0.14 13.61 -17.23
C ALA A 450 -1.38 13.53 -17.46
N ASP A 451 -1.82 12.55 -18.25
CA ASP A 451 -3.25 12.38 -18.51
C ASP A 451 -3.80 11.10 -17.89
N ARG A 452 -2.93 10.32 -17.26
CA ARG A 452 -3.34 9.07 -16.62
C ARG A 452 -3.12 9.05 -15.10
N VAL A 453 -2.29 9.94 -14.58
CA VAL A 453 -1.86 9.79 -13.19
C VAL A 453 -2.92 10.20 -12.14
N VAL A 454 -3.15 9.32 -11.15
CA VAL A 454 -4.13 9.59 -10.10
C VAL A 454 -3.54 9.49 -8.71
N PHE A 455 -2.22 9.36 -8.63
CA PHE A 455 -1.60 8.92 -7.41
C PHE A 455 -0.09 8.95 -7.56
N ILE A 456 0.59 9.58 -6.61
CA ILE A 456 2.00 9.29 -6.36
C ILE A 456 2.14 8.97 -4.88
N ASN A 457 3.13 8.18 -4.51
CA ASN A 457 3.36 7.96 -3.09
C ASN A 457 4.80 7.62 -2.72
N THR A 458 5.10 7.77 -1.44
CA THR A 458 6.43 7.44 -0.93
C THR A 458 6.35 6.30 0.06
N GLY A 459 7.49 5.73 0.38
CA GLY A 459 7.56 4.66 1.36
C GLY A 459 8.99 4.49 1.85
N PHE A 460 9.17 3.66 2.86
CA PHE A 460 10.49 3.42 3.41
C PHE A 460 11.22 2.31 2.69
N LEU A 461 10.62 1.13 2.67
CA LEU A 461 11.40 -0.08 2.42
C LEU A 461 12.09 -0.14 1.04
N ASP A 462 11.31 -0.16 -0.05
CA ASP A 462 11.88 -0.30 -1.38
C ASP A 462 12.86 0.82 -1.67
N ARG A 463 12.48 2.03 -1.27
CA ARG A 463 13.24 3.22 -1.64
C ARG A 463 14.62 3.24 -0.96
N THR A 464 14.68 2.75 0.27
CA THR A 464 15.96 2.65 0.97
C THR A 464 16.85 1.56 0.37
N GLY A 465 16.22 0.43 0.02
CA GLY A 465 16.93 -0.64 -0.64
C GLY A 465 17.57 -0.17 -1.93
N ASP A 466 16.83 0.63 -2.70
CA ASP A 466 17.40 1.16 -3.93
C ASP A 466 18.50 2.17 -3.62
N GLU A 467 18.29 2.93 -2.55
CA GLU A 467 19.28 3.89 -2.09
C GLU A 467 20.56 3.17 -1.73
N ILE A 468 20.45 2.08 -0.96
CA ILE A 468 21.62 1.25 -0.67
C ILE A 468 22.26 0.61 -1.92
N HIS A 469 21.46 0.01 -2.78
CA HIS A 469 22.06 -0.70 -3.90
C HIS A 469 22.77 0.25 -4.85
N THR A 470 22.18 1.41 -5.08
CA THR A 470 22.71 2.39 -6.05
C THR A 470 24.11 2.88 -5.67
N SER A 471 24.31 3.13 -4.38
CA SER A 471 25.58 3.63 -3.90
C SER A 471 26.37 2.56 -3.15
N MET A 472 26.07 1.30 -3.46
CA MET A 472 26.72 0.14 -2.85
C MET A 472 28.25 0.27 -2.81
N GLU A 473 28.84 0.83 -3.86
CA GLU A 473 30.30 0.95 -3.95
C GLU A 473 30.88 2.20 -3.24
N ALA A 474 30.03 3.10 -2.75
CA ALA A 474 30.54 4.33 -2.16
C ALA A 474 31.16 4.16 -0.76
N GLY A 475 30.74 3.12 -0.03
CA GLY A 475 31.17 2.90 1.33
C GLY A 475 30.09 2.28 2.20
N PRO A 476 30.40 1.99 3.47
CA PRO A 476 29.40 1.39 4.38
C PRO A 476 28.23 2.35 4.61
N MET A 477 27.01 1.84 4.68
CA MET A 477 25.82 2.66 4.92
C MET A 477 25.51 2.71 6.42
N VAL A 478 24.67 3.66 6.81
CA VAL A 478 24.19 3.73 8.20
C VAL A 478 23.22 2.61 8.50
N ARG A 479 22.96 2.36 9.78
CA ARG A 479 22.01 1.33 10.19
C ARG A 479 20.63 1.49 9.55
N LYS A 480 19.86 0.39 9.53
CA LYS A 480 18.52 0.40 8.97
C LYS A 480 17.63 1.42 9.69
N GLY A 481 17.72 1.44 11.01
CA GLY A 481 16.96 2.38 11.80
C GLY A 481 17.39 3.80 11.51
N THR A 482 18.68 4.01 11.34
CA THR A 482 19.20 5.35 11.07
C THR A 482 18.62 5.89 9.76
N MET A 483 18.29 4.97 8.85
CA MET A 483 17.89 5.34 7.50
C MET A 483 16.61 6.18 7.49
N LYS A 484 15.71 5.85 8.41
CA LYS A 484 14.40 6.49 8.50
C LYS A 484 14.46 8.00 8.66
N SER A 485 15.58 8.52 9.16
CA SER A 485 15.69 9.94 9.46
C SER A 485 16.90 10.60 8.81
N GLN A 486 17.48 9.94 7.82
CA GLN A 486 18.62 10.50 7.10
C GLN A 486 18.15 11.67 6.24
N PRO A 487 19.06 12.59 5.90
CA PRO A 487 18.70 13.74 5.06
C PRO A 487 18.09 13.40 3.70
N TRP A 488 18.53 12.31 3.07
CA TRP A 488 18.04 11.97 1.73
C TRP A 488 16.57 11.59 1.76
N ILE A 489 16.13 10.90 2.81
CA ILE A 489 14.76 10.41 2.84
C ILE A 489 13.79 11.50 3.26
N LEU A 490 14.26 12.41 4.10
CA LEU A 490 13.42 13.50 4.51
C LEU A 490 13.21 14.45 3.34
N ALA A 491 14.22 14.55 2.47
CA ALA A 491 14.09 15.40 1.30
C ALA A 491 13.16 14.72 0.30
N TYR A 492 13.36 13.43 0.14
CA TYR A 492 12.50 12.61 -0.71
C TYR A 492 11.02 12.71 -0.32
N GLU A 493 10.71 12.64 0.98
CA GLU A 493 9.33 12.82 1.44
C GLU A 493 8.76 14.18 0.99
N ASP A 494 9.48 15.26 1.26
CA ASP A 494 8.98 16.60 0.94
C ASP A 494 8.95 16.90 -0.56
N HIS A 495 9.96 16.42 -1.27
CA HIS A 495 10.09 16.64 -2.69
C HIS A 495 8.92 15.99 -3.44
N ASN A 496 8.44 14.87 -2.92
CA ASN A 496 7.31 14.15 -3.51
C ASN A 496 6.00 14.92 -3.40
N VAL A 497 5.74 15.48 -2.23
CA VAL A 497 4.58 16.34 -2.06
C VAL A 497 4.70 17.57 -2.98
N ASP A 498 5.87 18.20 -3.00
CA ASP A 498 6.08 19.39 -3.83
C ASP A 498 5.78 19.14 -5.30
N ALA A 499 6.26 18.03 -5.83
CA ALA A 499 6.04 17.71 -7.23
C ALA A 499 4.56 17.47 -7.46
N GLY A 500 3.93 16.73 -6.55
CA GLY A 500 2.51 16.48 -6.63
C GLY A 500 1.74 17.79 -6.66
N LEU A 501 1.91 18.62 -5.64
CA LEU A 501 1.18 19.89 -5.54
C LEU A 501 1.45 20.81 -6.73
N ALA A 502 2.68 20.85 -7.22
CA ALA A 502 3.05 21.69 -8.37
C ALA A 502 2.46 21.22 -9.71
N ALA A 503 2.15 19.93 -9.82
CA ALA A 503 1.47 19.41 -11.01
C ALA A 503 -0.03 19.47 -10.84
N GLY A 504 -0.48 20.13 -9.78
CA GLY A 504 -1.91 20.32 -9.56
C GLY A 504 -2.66 19.14 -8.98
N PHE A 505 -2.01 18.32 -8.16
CA PHE A 505 -2.66 17.13 -7.61
C PHE A 505 -3.81 17.47 -6.67
N SER A 506 -3.69 18.59 -5.98
CA SER A 506 -4.73 19.06 -5.08
C SER A 506 -6.03 19.26 -5.85
N GLY A 507 -7.06 18.55 -5.44
CA GLY A 507 -8.31 18.55 -6.14
C GLY A 507 -8.37 17.53 -7.26
N ARG A 508 -7.22 16.96 -7.64
CA ARG A 508 -7.16 16.11 -8.83
C ARG A 508 -6.65 14.68 -8.65
N ALA A 509 -5.71 14.48 -7.72
CA ALA A 509 -5.08 13.18 -7.56
C ALA A 509 -4.50 13.03 -6.16
N GLN A 510 -4.33 11.80 -5.71
CA GLN A 510 -3.83 11.53 -4.38
C GLN A 510 -2.33 11.76 -4.27
N VAL A 511 -1.91 12.28 -3.13
CA VAL A 511 -0.50 12.35 -2.76
C VAL A 511 -0.37 11.53 -1.47
N GLY A 512 0.26 10.37 -1.57
CA GLY A 512 0.23 9.42 -0.46
C GLY A 512 1.54 9.17 0.24
N LYS A 513 1.48 8.78 1.51
CA LYS A 513 2.67 8.34 2.24
C LYS A 513 2.60 6.88 2.77
N GLY A 514 3.60 6.46 3.53
CA GLY A 514 3.92 5.06 3.74
C GLY A 514 3.10 4.29 4.74
N MET A 515 3.39 2.98 4.85
CA MET A 515 2.67 2.07 5.73
C MET A 515 3.07 2.16 7.19
N TRP A 516 2.07 2.18 8.08
CA TRP A 516 2.34 1.93 9.50
C TRP A 516 2.44 0.42 9.65
N THR A 517 3.65 -0.08 9.93
CA THR A 517 3.86 -1.54 9.97
C THR A 517 3.56 -2.19 11.32
N MET A 518 3.57 -1.39 12.38
CA MET A 518 3.39 -1.92 13.73
C MET A 518 1.92 -2.12 14.08
N THR A 519 1.39 -3.27 13.72
CA THR A 519 -0.04 -3.54 13.85
C THR A 519 -0.59 -3.44 15.27
N GLU A 520 0.21 -3.72 16.28
CA GLU A 520 -0.31 -3.70 17.65
C GLU A 520 -0.07 -2.34 18.31
N LEU A 521 0.79 -1.53 17.73
CA LEU A 521 1.12 -0.26 18.34
C LEU A 521 0.23 0.87 17.82
N MET A 522 -1.05 0.78 18.15
CA MET A 522 -2.03 1.73 17.69
C MET A 522 -1.95 3.10 18.40
N ALA A 523 -1.74 3.07 19.71
CA ALA A 523 -1.49 4.30 20.47
C ALA A 523 -0.38 5.10 19.81
N ASP A 524 0.75 4.45 19.54
CA ASP A 524 1.87 5.12 18.86
C ASP A 524 1.46 5.60 17.47
N MET A 525 0.65 4.84 16.75
CA MET A 525 0.22 5.29 15.43
C MET A 525 -0.63 6.55 15.53
N VAL A 526 -1.60 6.52 16.43
CA VAL A 526 -2.52 7.64 16.57
C VAL A 526 -1.73 8.88 16.97
N GLU A 527 -0.72 8.66 17.80
CA GLU A 527 0.18 9.72 18.24
C GLU A 527 1.09 10.24 17.14
N THR A 528 1.69 9.37 16.33
CA THR A 528 2.69 9.85 15.37
C THR A 528 2.30 9.95 13.88
N LYS A 529 1.39 9.09 13.41
CA LYS A 529 1.07 9.07 11.99
C LYS A 529 0.35 10.37 11.52
N ILE A 530 -0.05 11.19 12.48
CA ILE A 530 -0.67 12.49 12.15
C ILE A 530 0.29 13.39 11.38
N ALA A 531 1.59 13.16 11.52
CA ALA A 531 2.59 13.88 10.74
C ALA A 531 2.34 13.81 9.24
N GLN A 532 1.78 12.69 8.78
CA GLN A 532 1.62 12.47 7.33
C GLN A 532 0.59 13.41 6.67
N PRO A 533 -0.63 13.51 7.22
CA PRO A 533 -1.53 14.55 6.69
C PRO A 533 -1.04 15.98 6.98
N ARG A 534 -0.25 16.18 8.03
CA ARG A 534 0.28 17.52 8.28
C ARG A 534 1.34 17.90 7.26
N ALA A 535 1.89 16.89 6.58
CA ALA A 535 2.89 17.08 5.54
C ALA A 535 2.23 17.24 4.16
N GLY A 536 0.90 17.35 4.15
CA GLY A 536 0.17 17.56 2.91
C GLY A 536 -0.22 16.31 2.12
N ALA A 537 -0.19 15.15 2.78
CA ALA A 537 -0.60 13.90 2.15
C ALA A 537 -2.11 13.68 2.28
N SER A 538 -2.79 13.48 1.15
CA SER A 538 -4.23 13.29 1.16
C SER A 538 -4.57 11.82 1.37
N THR A 539 -3.54 10.95 1.41
CA THR A 539 -3.73 9.57 1.81
C THR A 539 -2.46 8.94 2.38
N ALA A 540 -2.63 7.90 3.19
CA ALA A 540 -1.49 7.18 3.76
C ALA A 540 -1.85 5.72 4.01
N TRP A 541 -0.85 4.84 4.04
CA TRP A 541 -1.13 3.40 4.13
C TRP A 541 -1.31 2.85 5.55
N VAL A 542 -2.36 2.07 5.73
CA VAL A 542 -2.63 1.42 7.01
C VAL A 542 -2.65 -0.10 6.88
N PRO A 543 -2.31 -0.82 7.96
CA PRO A 543 -2.18 -2.28 7.86
C PRO A 543 -3.49 -3.06 8.03
N SER A 544 -4.54 -2.43 8.56
CA SER A 544 -5.77 -3.14 8.90
C SER A 544 -6.98 -2.21 8.90
N PRO A 545 -8.20 -2.77 8.77
CA PRO A 545 -9.41 -1.94 8.86
C PRO A 545 -9.46 -1.18 10.18
N THR A 546 -8.97 -1.83 11.23
CA THR A 546 -8.89 -1.22 12.54
C THR A 546 -7.93 -0.02 12.54
N ALA A 547 -6.78 -0.17 11.89
CA ALA A 547 -5.87 0.96 11.78
C ALA A 547 -6.45 2.03 10.88
N ALA A 548 -7.25 1.63 9.89
CA ALA A 548 -7.88 2.59 8.98
C ALA A 548 -8.80 3.53 9.76
N THR A 549 -9.54 2.95 10.71
CA THR A 549 -10.51 3.68 11.50
C THR A 549 -9.82 4.69 12.42
N LEU A 550 -8.69 4.25 13.01
CA LEU A 550 -7.94 5.08 13.93
C LEU A 550 -7.16 6.19 13.20
N HIS A 551 -6.68 5.87 12.00
CA HIS A 551 -5.94 6.84 11.21
C HIS A 551 -6.89 7.92 10.67
N ALA A 552 -8.14 7.54 10.45
CA ALA A 552 -9.18 8.50 10.06
C ALA A 552 -9.29 9.71 11.01
N LEU A 553 -9.11 9.47 12.30
CA LEU A 553 -9.09 10.55 13.29
C LEU A 553 -8.14 11.67 12.88
N HIS A 554 -7.00 11.30 12.29
CA HIS A 554 -6.02 12.27 11.88
C HIS A 554 -6.57 13.25 10.85
N TYR A 555 -7.39 12.74 9.94
CA TYR A 555 -7.93 13.55 8.84
C TYR A 555 -9.03 14.45 9.34
N HIS A 556 -9.55 14.13 10.52
CA HIS A 556 -10.51 15.02 11.14
C HIS A 556 -9.80 16.17 11.86
N GLN A 557 -8.64 15.90 12.43
CA GLN A 557 -7.87 16.92 13.13
C GLN A 557 -7.12 17.82 12.17
N VAL A 558 -6.80 17.28 10.99
CA VAL A 558 -5.93 17.97 10.06
C VAL A 558 -6.65 18.29 8.76
N ASP A 559 -6.68 19.59 8.42
CA ASP A 559 -7.29 20.03 7.18
C ASP A 559 -6.27 19.92 6.04
N VAL A 560 -6.20 18.72 5.47
CA VAL A 560 -5.23 18.41 4.44
C VAL A 560 -5.37 19.35 3.25
N ALA A 561 -6.61 19.59 2.84
CA ALA A 561 -6.84 20.51 1.71
C ALA A 561 -6.17 21.86 1.95
N ALA A 562 -6.45 22.47 3.12
CA ALA A 562 -5.81 23.73 3.50
C ALA A 562 -4.29 23.57 3.63
N VAL A 563 -3.84 22.49 4.25
CA VAL A 563 -2.41 22.23 4.36
C VAL A 563 -1.77 22.22 2.97
N GLN A 564 -2.46 21.58 2.03
CA GLN A 564 -1.99 21.55 0.65
C GLN A 564 -1.95 22.92 0.00
N GLN A 565 -2.97 23.74 0.26
CA GLN A 565 -3.02 25.07 -0.32
C GLN A 565 -1.89 25.91 0.22
N GLY A 566 -1.49 25.62 1.46
CA GLY A 566 -0.41 26.35 2.10
C GLY A 566 0.97 26.01 1.56
N LEU A 567 1.16 24.78 1.07
CA LEU A 567 2.46 24.36 0.55
C LEU A 567 2.70 24.82 -0.88
N ALA A 568 1.64 25.24 -1.55
CA ALA A 568 1.70 25.61 -2.96
C ALA A 568 2.85 26.57 -3.30
N GLY A 569 3.65 26.16 -4.29
CA GLY A 569 4.74 26.97 -4.78
C GLY A 569 6.04 26.87 -4.00
N LYS A 570 6.04 26.09 -2.92
CA LYS A 570 7.27 25.94 -2.13
C LYS A 570 8.18 24.85 -2.70
N ARG A 571 9.48 25.04 -2.56
CA ARG A 571 10.47 24.08 -3.01
C ARG A 571 11.34 23.69 -1.82
N ARG A 572 10.93 22.64 -1.11
CA ARG A 572 11.49 22.34 0.21
C ARG A 572 12.65 21.33 0.19
N ALA A 573 13.02 20.86 -0.99
CA ALA A 573 14.12 19.93 -1.10
C ALA A 573 14.97 20.23 -2.32
N THR A 574 16.28 20.27 -2.13
CA THR A 574 17.20 20.50 -3.24
C THR A 574 17.62 19.17 -3.80
N ILE A 575 18.03 19.17 -5.06
CA ILE A 575 18.59 17.97 -5.68
C ILE A 575 19.79 17.48 -4.87
N GLU A 576 20.54 18.40 -4.26
CA GLU A 576 21.66 18.04 -3.40
C GLU A 576 21.20 17.24 -2.19
N GLN A 577 20.10 17.67 -1.57
CA GLN A 577 19.57 16.92 -0.42
C GLN A 577 19.19 15.49 -0.79
N LEU A 578 18.50 15.35 -1.93
CA LEU A 578 18.05 14.05 -2.44
C LEU A 578 19.22 13.14 -2.76
N LEU A 579 20.33 13.75 -3.17
CA LEU A 579 21.52 13.00 -3.58
C LEU A 579 22.53 12.81 -2.46
N THR A 580 22.10 13.03 -1.23
CA THR A 580 22.98 12.86 -0.09
C THR A 580 23.00 11.40 0.32
N ILE A 581 24.04 10.70 -0.10
CA ILE A 581 24.21 9.26 0.14
C ILE A 581 24.39 8.97 1.62
N PRO A 582 23.56 8.06 2.17
CA PRO A 582 23.56 7.77 3.61
C PRO A 582 24.78 6.98 4.09
N LEU A 583 25.98 7.45 3.74
CA LEU A 583 27.23 6.82 4.17
C LEU A 583 27.42 6.96 5.68
N ALA A 584 28.03 5.97 6.32
CA ALA A 584 28.34 6.07 7.75
C ALA A 584 29.66 6.81 7.99
N LYS A 585 29.69 7.60 9.07
CA LYS A 585 30.90 8.35 9.43
C LYS A 585 32.04 7.40 9.76
N GLU A 586 33.24 7.96 9.84
CA GLU A 586 34.47 7.20 10.11
C GLU A 586 34.30 6.26 11.31
N LEU A 587 33.95 5.01 11.02
CA LEU A 587 33.77 3.98 12.03
C LEU A 587 32.88 4.42 13.22
N ALA A 588 31.57 4.24 13.04
CA ALA A 588 30.56 4.85 13.87
C ALA A 588 29.90 3.89 14.85
N TRP A 589 30.33 2.63 14.83
CA TRP A 589 29.66 1.62 15.63
C TRP A 589 30.60 0.86 16.54
N ALA A 590 30.17 0.67 17.78
CA ALA A 590 30.81 -0.27 18.68
C ALA A 590 30.57 -1.66 18.12
N PRO A 591 31.42 -2.63 18.47
CA PRO A 591 31.24 -4.02 18.05
C PRO A 591 29.85 -4.59 18.33
N ASP A 592 29.32 -4.40 19.53
CA ASP A 592 28.01 -4.96 19.89
C ASP A 592 26.89 -4.30 19.09
N GLU A 593 27.09 -3.05 18.72
CA GLU A 593 26.14 -2.35 17.86
C GLU A 593 26.10 -3.00 16.48
N ILE A 594 27.26 -3.43 16.00
CA ILE A 594 27.36 -4.06 14.69
C ILE A 594 26.61 -5.41 14.70
N ARG A 595 26.83 -6.16 15.77
CA ARG A 595 26.21 -7.46 15.95
C ARG A 595 24.69 -7.37 16.05
N GLU A 596 24.21 -6.33 16.71
CA GLU A 596 22.79 -6.16 16.93
C GLU A 596 22.08 -5.87 15.62
N GLU A 597 22.73 -5.05 14.80
CA GLU A 597 22.19 -4.68 13.51
C GLU A 597 22.18 -5.89 12.60
N VAL A 598 23.25 -6.68 12.64
CA VAL A 598 23.33 -7.89 11.83
C VAL A 598 22.24 -8.89 12.23
N ASP A 599 22.11 -9.13 13.52
CA ASP A 599 21.04 -9.98 14.03
C ASP A 599 19.70 -9.44 13.56
N ASN A 600 19.53 -8.13 13.71
CA ASN A 600 18.30 -7.45 13.37
C ASN A 600 17.87 -7.76 11.94
N ASN A 601 18.78 -7.55 11.00
CA ASN A 601 18.54 -7.81 9.59
C ASN A 601 18.37 -9.30 9.21
N CYS A 602 19.22 -10.15 9.78
CA CYS A 602 19.09 -11.59 9.55
C CYS A 602 17.74 -12.10 10.04
N GLN A 603 17.27 -11.59 11.18
CA GLN A 603 15.97 -11.99 11.69
C GLN A 603 14.83 -11.48 10.79
N SER A 604 15.00 -10.29 10.21
CA SER A 604 13.97 -9.72 9.36
C SER A 604 13.76 -10.62 8.17
N ILE A 605 14.88 -11.06 7.61
CA ILE A 605 14.90 -11.91 6.43
C ILE A 605 14.35 -13.31 6.72
N LEU A 606 14.91 -13.98 7.73
CA LEU A 606 14.43 -15.31 8.12
C LEU A 606 12.93 -15.35 8.44
N GLY A 607 12.48 -14.40 9.24
CA GLY A 607 11.09 -14.36 9.68
C GLY A 607 10.14 -14.16 8.52
N TYR A 608 10.54 -13.32 7.56
CA TYR A 608 9.73 -13.10 6.35
C TYR A 608 9.88 -14.25 5.35
N VAL A 609 11.11 -14.62 5.02
CA VAL A 609 11.38 -15.65 4.02
C VAL A 609 10.74 -17.01 4.33
N VAL A 610 10.74 -17.40 5.60
CA VAL A 610 10.27 -18.73 5.94
C VAL A 610 8.77 -18.93 5.62
N ARG A 611 7.96 -17.92 5.89
CA ARG A 611 6.54 -17.95 5.55
C ARG A 611 6.32 -17.90 4.04
N TRP A 612 7.21 -17.22 3.34
CA TRP A 612 7.07 -16.96 1.91
C TRP A 612 7.40 -18.24 1.14
N VAL A 613 8.57 -18.79 1.42
CA VAL A 613 9.06 -19.95 0.70
C VAL A 613 8.23 -21.19 1.03
N ASP A 614 7.97 -21.40 2.32
CA ASP A 614 7.30 -22.62 2.76
C ASP A 614 5.77 -22.58 2.56
N GLN A 615 5.15 -21.44 2.79
CA GLN A 615 3.69 -21.37 2.80
C GLN A 615 3.07 -20.43 1.77
N GLY A 616 3.90 -19.76 0.99
CA GLY A 616 3.42 -18.77 0.04
C GLY A 616 2.63 -17.61 0.65
N VAL A 617 3.03 -17.16 1.84
CA VAL A 617 2.48 -15.97 2.48
C VAL A 617 3.38 -14.73 2.26
N GLY A 618 2.83 -13.69 1.64
CA GLY A 618 3.62 -12.50 1.37
C GLY A 618 3.40 -11.36 2.34
N ALA A 619 2.52 -11.55 3.31
CA ALA A 619 2.20 -10.50 4.27
C ALA A 619 1.46 -11.08 5.48
N SER A 620 1.95 -10.77 6.66
CA SER A 620 1.40 -11.29 7.91
C SER A 620 2.01 -10.53 9.08
N LYS A 621 1.54 -10.82 10.29
CA LYS A 621 2.13 -10.22 11.46
C LYS A 621 3.36 -11.02 11.81
N VAL A 622 4.52 -10.49 11.44
CA VAL A 622 5.77 -11.17 11.70
C VAL A 622 6.44 -10.49 12.86
N PRO A 623 6.60 -11.20 13.98
CA PRO A 623 7.34 -10.64 15.11
C PRO A 623 8.77 -10.32 14.71
N ASP A 624 9.24 -9.12 15.04
CA ASP A 624 10.63 -8.75 14.78
C ASP A 624 11.54 -9.31 15.88
N ILE A 625 12.75 -8.77 15.98
CA ILE A 625 13.73 -9.27 16.95
C ILE A 625 13.37 -8.94 18.41
N HIS A 626 12.48 -7.98 18.61
CA HIS A 626 12.00 -7.62 19.96
C HIS A 626 10.58 -8.09 20.18
N ASP A 627 10.10 -8.92 19.28
CA ASP A 627 8.74 -9.44 19.30
C ASP A 627 7.64 -8.42 19.09
N VAL A 628 7.99 -7.26 18.53
CA VAL A 628 7.02 -6.32 18.00
C VAL A 628 6.47 -6.86 16.68
N ALA A 629 5.15 -7.03 16.62
CA ALA A 629 4.52 -7.50 15.40
C ALA A 629 4.64 -6.42 14.32
N LEU A 630 5.21 -6.81 13.18
CA LEU A 630 5.26 -5.95 12.00
C LEU A 630 4.51 -6.58 10.85
N MET A 631 3.74 -5.78 10.12
CA MET A 631 3.23 -6.25 8.85
C MET A 631 3.94 -5.56 7.70
N GLU A 632 5.13 -6.05 7.39
CA GLU A 632 5.89 -5.51 6.27
C GLU A 632 5.60 -6.33 5.02
N ASP A 633 5.95 -5.81 3.85
CA ASP A 633 5.85 -6.59 2.63
C ASP A 633 7.25 -7.00 2.18
N ARG A 634 7.35 -7.60 0.99
CA ARG A 634 8.61 -8.16 0.49
C ARG A 634 9.79 -7.17 0.50
N ALA A 635 9.49 -5.87 0.42
CA ALA A 635 10.53 -4.86 0.42
C ALA A 635 11.41 -4.88 1.69
N THR A 636 10.88 -5.44 2.77
CA THR A 636 11.70 -5.66 3.96
C THR A 636 12.91 -6.56 3.64
N LEU A 637 12.74 -7.46 2.68
CA LEU A 637 13.83 -8.31 2.24
C LEU A 637 14.86 -7.51 1.47
N ARG A 638 14.41 -6.51 0.72
CA ARG A 638 15.33 -5.72 -0.09
C ARG A 638 16.24 -4.83 0.74
N ILE A 639 15.71 -4.12 1.74
CA ILE A 639 16.58 -3.29 2.57
C ILE A 639 17.57 -4.13 3.34
N SER A 640 17.05 -5.16 4.01
CA SER A 640 17.82 -5.89 4.99
C SER A 640 18.99 -6.61 4.33
N SER A 641 18.70 -7.27 3.22
CA SER A 641 19.73 -8.02 2.52
C SER A 641 20.71 -7.07 1.84
N GLN A 642 20.23 -5.94 1.36
CA GLN A 642 21.13 -4.93 0.78
C GLN A 642 22.06 -4.32 1.84
N LEU A 643 21.51 -4.09 3.02
CA LEU A 643 22.28 -3.50 4.11
C LEU A 643 23.42 -4.45 4.48
N LEU A 644 23.06 -5.71 4.74
CA LEU A 644 24.04 -6.75 5.04
C LEU A 644 25.05 -6.93 3.91
N ALA A 645 24.58 -6.88 2.67
CA ALA A 645 25.45 -7.09 1.52
C ALA A 645 26.45 -5.96 1.41
N ASN A 646 25.98 -4.77 1.77
CA ASN A 646 26.82 -3.57 1.80
C ASN A 646 27.91 -3.68 2.88
N TRP A 647 27.50 -4.08 4.08
CA TRP A 647 28.41 -4.26 5.19
C TRP A 647 29.44 -5.36 4.90
N LEU A 648 28.99 -6.47 4.35
CA LEU A 648 29.90 -7.51 3.91
C LEU A 648 30.88 -6.95 2.85
N ARG A 649 30.34 -6.17 1.91
CA ARG A 649 31.12 -5.57 0.83
C ARG A 649 32.24 -4.62 1.30
N HIS A 650 32.02 -3.95 2.43
CA HIS A 650 32.96 -2.91 2.86
C HIS A 650 33.76 -3.24 4.13
N GLY A 651 33.64 -4.48 4.59
CA GLY A 651 34.52 -4.98 5.60
C GLY A 651 33.99 -4.82 7.01
N VAL A 652 32.77 -4.29 7.14
CA VAL A 652 32.18 -4.08 8.45
C VAL A 652 31.97 -5.40 9.17
N ILE A 653 31.57 -6.42 8.44
CA ILE A 653 31.34 -7.75 8.99
C ILE A 653 32.01 -8.80 8.12
N THR A 654 32.06 -10.04 8.61
CA THR A 654 32.63 -11.15 7.84
C THR A 654 31.54 -12.15 7.47
N SER A 655 31.85 -13.03 6.53
CA SER A 655 30.88 -14.05 6.13
C SER A 655 30.60 -15.01 7.29
N ALA A 656 31.57 -15.20 8.16
CA ALA A 656 31.36 -15.99 9.37
C ALA A 656 30.36 -15.28 10.28
N ASP A 657 30.50 -13.96 10.39
CA ASP A 657 29.51 -13.16 11.11
C ASP A 657 28.10 -13.40 10.60
N VAL A 658 27.93 -13.41 9.28
CA VAL A 658 26.60 -13.56 8.69
C VAL A 658 26.01 -14.94 8.94
N ARG A 659 26.83 -15.96 8.71
CA ARG A 659 26.41 -17.33 8.95
C ARG A 659 26.06 -17.53 10.44
N ALA A 660 26.87 -16.95 11.32
CA ALA A 660 26.62 -17.07 12.76
C ALA A 660 25.29 -16.43 13.15
N SER A 661 25.04 -15.24 12.63
CA SER A 661 23.80 -14.55 12.91
C SER A 661 22.60 -15.33 12.41
N LEU A 662 22.66 -15.77 11.15
CA LEU A 662 21.59 -16.56 10.56
C LEU A 662 21.30 -17.80 11.39
N GLU A 663 22.34 -18.40 11.96
CA GLU A 663 22.17 -19.66 12.68
C GLU A 663 21.57 -19.53 14.08
N ARG A 664 21.72 -18.36 14.70
CA ARG A 664 21.10 -18.18 16.02
C ARG A 664 19.80 -17.40 15.97
N MET A 665 19.51 -16.78 14.82
CA MET A 665 18.23 -16.11 14.62
C MET A 665 17.21 -17.10 14.08
N ALA A 666 17.71 -18.11 13.37
CA ALA A 666 16.82 -19.13 12.80
C ALA A 666 15.92 -19.85 13.83
N PRO A 667 16.51 -20.46 14.89
CA PRO A 667 15.63 -21.11 15.86
C PRO A 667 14.72 -20.10 16.59
N LEU A 668 15.22 -18.88 16.74
CA LEU A 668 14.42 -17.79 17.26
C LEU A 668 13.12 -17.68 16.47
N VAL A 669 13.28 -17.51 15.16
CA VAL A 669 12.15 -17.46 14.24
C VAL A 669 11.27 -18.72 14.37
N ASP A 670 11.90 -19.88 14.57
CA ASP A 670 11.15 -21.13 14.73
C ASP A 670 10.11 -21.03 15.83
N ARG A 671 10.54 -20.56 17.00
CA ARG A 671 9.63 -20.51 18.13
C ARG A 671 8.67 -19.32 18.07
N GLN A 672 9.01 -18.31 17.27
CA GLN A 672 8.09 -17.20 17.04
C GLN A 672 6.92 -17.70 16.18
N ASN A 673 7.17 -18.80 15.47
CA ASN A 673 6.14 -19.40 14.65
C ASN A 673 5.56 -20.66 15.30
N ALA A 674 5.91 -20.87 16.56
CA ALA A 674 5.31 -21.94 17.31
C ALA A 674 3.84 -21.60 17.45
N GLY A 675 2.95 -22.59 17.32
CA GLY A 675 1.54 -22.30 17.31
C GLY A 675 0.99 -22.20 15.89
N ASP A 676 1.81 -22.61 14.93
CA ASP A 676 1.43 -22.67 13.52
C ASP A 676 1.59 -24.11 13.05
N VAL A 677 0.47 -24.80 12.87
CA VAL A 677 0.47 -26.23 12.55
C VAL A 677 1.24 -26.59 11.30
N ALA A 678 1.23 -25.73 10.29
CA ALA A 678 1.89 -26.04 9.04
C ALA A 678 3.38 -25.70 9.10
N TYR A 679 3.78 -24.97 10.13
CA TYR A 679 5.16 -24.52 10.21
C TYR A 679 6.13 -25.67 10.42
N ARG A 680 7.19 -25.66 9.63
CA ARG A 680 8.29 -26.61 9.75
C ARG A 680 9.59 -25.84 10.01
N PRO A 681 10.29 -26.18 11.09
CA PRO A 681 11.41 -25.37 11.59
C PRO A 681 12.63 -25.44 10.69
N MET A 682 13.47 -24.40 10.74
CA MET A 682 14.67 -24.34 9.92
C MET A 682 15.83 -25.00 10.67
N ALA A 683 15.87 -24.78 11.98
CA ALA A 683 16.90 -25.35 12.83
C ALA A 683 16.54 -26.78 13.23
N PRO A 684 17.55 -27.66 13.35
CA PRO A 684 18.98 -27.38 13.27
C PRO A 684 19.60 -27.75 11.93
N ASN A 685 18.83 -28.37 11.04
CA ASN A 685 19.39 -28.81 9.76
C ASN A 685 19.26 -27.69 8.72
N PHE A 686 20.06 -26.65 8.92
CA PHE A 686 19.98 -25.45 8.11
C PHE A 686 20.06 -25.71 6.59
N ASP A 687 21.09 -26.41 6.16
CA ASP A 687 21.27 -26.64 4.73
C ASP A 687 20.26 -27.65 4.15
N ASP A 688 19.22 -27.98 4.93
CA ASP A 688 18.08 -28.76 4.45
C ASP A 688 16.88 -27.86 4.20
N SER A 689 16.80 -26.75 4.94
CA SER A 689 15.70 -25.82 4.77
C SER A 689 15.91 -24.98 3.51
N ILE A 690 14.92 -25.02 2.63
CA ILE A 690 14.96 -24.18 1.43
C ILE A 690 14.81 -22.70 1.82
N ALA A 691 13.99 -22.43 2.84
CA ALA A 691 13.79 -21.08 3.38
C ALA A 691 15.12 -20.50 3.85
N PHE A 692 15.79 -21.24 4.72
CA PHE A 692 17.08 -20.84 5.26
C PHE A 692 18.08 -20.53 4.15
N LEU A 693 18.17 -21.42 3.17
CA LEU A 693 19.08 -21.22 2.04
C LEU A 693 18.68 -20.01 1.20
N ALA A 694 17.38 -19.75 1.13
CA ALA A 694 16.91 -18.55 0.44
C ALA A 694 17.41 -17.30 1.17
N ALA A 695 17.31 -17.31 2.50
CA ALA A 695 17.77 -16.21 3.32
C ALA A 695 19.26 -16.01 3.13
N GLN A 696 20.00 -17.11 3.07
CA GLN A 696 21.44 -17.05 2.94
C GLN A 696 21.82 -16.50 1.56
N GLU A 697 21.05 -16.87 0.55
CA GLU A 697 21.37 -16.48 -0.81
C GLU A 697 21.05 -15.01 -1.05
N LEU A 698 19.98 -14.53 -0.45
CA LEU A 698 19.61 -13.13 -0.61
C LEU A 698 20.74 -12.23 -0.16
N ILE A 699 21.36 -12.60 0.95
CA ILE A 699 22.46 -11.82 1.50
C ILE A 699 23.75 -11.97 0.70
N LEU A 700 24.17 -13.20 0.49
CA LEU A 700 25.45 -13.47 -0.15
C LEU A 700 25.44 -13.13 -1.65
N SER A 701 24.26 -13.15 -2.26
CA SER A 701 24.15 -12.77 -3.65
C SER A 701 23.64 -11.35 -3.82
N GLY A 702 23.24 -10.73 -2.72
CA GLY A 702 22.64 -9.41 -2.70
C GLY A 702 23.23 -8.32 -3.57
N ALA A 703 24.56 -8.15 -3.52
CA ALA A 703 25.20 -7.09 -4.30
C ALA A 703 25.13 -7.34 -5.82
N GLN A 704 24.66 -8.54 -6.18
CA GLN A 704 24.59 -8.97 -7.57
C GLN A 704 23.18 -8.93 -8.15
N GLN A 705 22.16 -8.89 -7.30
CA GLN A 705 20.78 -8.79 -7.79
C GLN A 705 20.56 -7.45 -8.48
N PRO A 706 19.81 -7.45 -9.58
CA PRO A 706 19.62 -6.20 -10.31
C PRO A 706 18.87 -5.22 -9.41
N ASN A 707 19.49 -4.06 -9.16
CA ASN A 707 18.93 -3.05 -8.27
C ASN A 707 18.55 -3.60 -6.90
N GLY A 708 19.24 -4.66 -6.48
CA GLY A 708 18.95 -5.28 -5.20
C GLY A 708 17.67 -6.08 -5.13
N TYR A 709 16.99 -6.28 -6.27
CA TYR A 709 15.69 -6.96 -6.29
C TYR A 709 15.74 -8.41 -5.80
N THR A 710 14.76 -8.79 -4.97
CA THR A 710 14.83 -10.07 -4.31
C THR A 710 13.95 -11.15 -4.95
N GLU A 711 13.12 -10.74 -5.90
CA GLU A 711 12.19 -11.68 -6.52
C GLU A 711 12.86 -12.79 -7.32
N PRO A 712 13.90 -12.48 -8.11
CA PRO A 712 14.55 -13.58 -8.85
C PRO A 712 14.95 -14.73 -7.93
N ILE A 713 15.48 -14.41 -6.77
CA ILE A 713 15.93 -15.45 -5.84
C ILE A 713 14.73 -16.07 -5.12
N LEU A 714 13.89 -15.23 -4.55
CA LEU A 714 12.70 -15.67 -3.82
C LEU A 714 11.81 -16.56 -4.67
N HIS A 715 11.58 -16.15 -5.92
CA HIS A 715 10.66 -16.88 -6.79
C HIS A 715 11.19 -18.28 -7.07
N ARG A 716 12.47 -18.34 -7.40
CA ARG A 716 13.15 -19.59 -7.67
C ARG A 716 13.07 -20.54 -6.48
N ARG A 717 13.40 -20.06 -5.28
CA ARG A 717 13.36 -20.90 -4.06
C ARG A 717 11.94 -21.39 -3.71
N ARG A 718 10.96 -20.52 -3.90
CA ARG A 718 9.57 -20.88 -3.69
C ARG A 718 9.15 -21.95 -4.69
N ARG A 719 9.62 -21.83 -5.94
CA ARG A 719 9.31 -22.82 -6.95
C ARG A 719 9.98 -24.12 -6.59
N GLU A 720 11.22 -24.02 -6.11
CA GLU A 720 11.97 -25.16 -5.63
C GLU A 720 11.17 -25.91 -4.58
N PHE A 721 10.75 -25.18 -3.55
CA PHE A 721 9.98 -25.78 -2.47
C PHE A 721 8.73 -26.49 -2.99
N LYS A 722 7.91 -25.79 -3.78
CA LYS A 722 6.71 -26.40 -4.37
C LYS A 722 7.00 -27.71 -5.12
N ALA A 723 8.18 -27.81 -5.72
CA ALA A 723 8.54 -29.02 -6.45
C ALA A 723 8.85 -30.16 -5.47
N ARG A 724 9.67 -29.87 -4.46
CA ARG A 724 9.96 -30.86 -3.41
C ARG A 724 8.69 -31.40 -2.78
N ALA A 725 7.77 -30.50 -2.46
CA ALA A 725 6.49 -30.86 -1.87
C ALA A 725 5.64 -31.73 -2.80
N ALA A 726 5.97 -31.75 -4.08
CA ALA A 726 5.17 -32.47 -5.05
C ALA A 726 5.56 -33.95 -5.18
N GLU A 727 6.43 -34.41 -4.29
CA GLU A 727 6.79 -35.82 -4.25
C GLU A 727 6.01 -36.56 -3.18
#